data_6BJ8
#
_entry.id   6BJ8
#
_cell.length_a   194.492
_cell.length_b   61.698
_cell.length_c   92.145
_cell.angle_alpha   90.00
_cell.angle_beta   104.87
_cell.angle_gamma   90.00
#
_symmetry.space_group_name_H-M   'C 1 2 1'
#
loop_
_entity.id
_entity.type
_entity.pdbx_description
1 polymer 'HLA class I histocompatibility antigen, B-35 alpha chain'
2 polymer Beta-2-microglobulin
3 polymer 'TCR 55 alpha chain'
4 polymer 'TCR 55 beta chain'
5 polymer VAL-PRO-LEU-THR-GLU-ASP-ALA-GLU-LEU
6 non-polymer GLYCEROL
7 non-polymer 'PHOSPHATE ION'
8 water water
#
loop_
_entity_poly.entity_id
_entity_poly.type
_entity_poly.pdbx_seq_one_letter_code
_entity_poly.pdbx_strand_id
1 'polypeptide(L)'
;GSHSMRYFYTAMSRPGRGEPRFIAVGYVDDTQFVRFDSDAASPRTEPRAPWIEQEGPEYWDRNTQIFKTNTQTYRESLRN
LRGYYNQSEAGSHIIQRMYGCDLGPDGRLLRGHDQSAYDGKDYIALNEDLSSWTAADTAAQITQRKWEAARVAEQLRAYL
EGLCVEWLRRYLENGKETLQRADPPKTHVTHHPVSDHEATLRCWALGFYPAEITLTWQRDGEDQTQDTELVETRPAGDRT
FQKWAAVVVPSGEEQRYTCHVQHEGLPKPLTLRWEP
;
A
2 'polypeptide(L)'
;IQRTPKIQVYSRHPAENGKSNFLNCYVSGFHPSDIEVDLLKNGERIEKVEHSDLSFSKDWSFYLLYYTEFTPTEKDEYAC
RVNHVTLSQPKIVKWDRDM
;
B
3 'polypeptide(L)'
;MQKVTQAQSSVSMPVRKAVTLNCLYETSWWSYYIFWYKQLPSKEMIFLIRQGSDEQNAKSGRYSVNFKKAAKSVALTISA
LQLEDSAKYFCALGEGGAQKLVFGQGTRLTINPNIQNPDPAVYQLRDSKSSDKSVCLFTDFDSQTNVSQSKDSDVYITDK
CVLDMRSMDFKSNSAVAWSNKSDFACANAFNNSIIPEDTFFPSP
;
D
4 'polypeptide(L)'
;GVTQTPKFQVLKTGQSMTLQCAQDMNHNSMYWYRQDPGMGLRLIYYSASEGTTDKGEVPNGYNVSRLNKREFSLRLESAA
PSQTSVYFCASRTRGGTLIEQYFGPGTRLTVTEDLKNVFPPEVAVFEPSEAEISHTQKATLVCLATGFYPDHVELSWWVN
GKEVHSGVCTDPQPLKEQPALNDSRYCLSSRLRVSATFWQNPRNHFRCQVQFYGLSENDEWTQDRAKPVTQIVSAEAWGR
AD
;
H
5 'polypeptide(L)' VPLTEDAEL C
#
loop_
_chem_comp.id
_chem_comp.type
_chem_comp.name
_chem_comp.formula
GOL non-polymer GLYCEROL 'C3 H8 O3'
PO4 non-polymer 'PHOSPHATE ION' 'O4 P -3'
#
# COMPACT_ATOMS: atom_id res chain seq x y z
N HIS A 3 4.00 -13.11 -28.20
CA HIS A 3 5.01 -13.08 -27.13
C HIS A 3 4.29 -13.09 -25.79
N SER A 4 5.02 -13.48 -24.73
CA SER A 4 4.41 -13.58 -23.41
C SER A 4 5.43 -13.24 -22.34
N MET A 5 4.91 -12.87 -21.17
CA MET A 5 5.72 -12.75 -19.96
C MET A 5 5.02 -13.57 -18.88
N ARG A 6 5.79 -14.31 -18.11
CA ARG A 6 5.24 -15.13 -17.03
C ARG A 6 6.16 -15.08 -15.83
N TYR A 7 5.56 -15.06 -14.64
CA TYR A 7 6.29 -15.32 -13.41
C TYR A 7 5.76 -16.61 -12.81
N PHE A 8 6.68 -17.41 -12.28
CA PHE A 8 6.35 -18.69 -11.64
C PHE A 8 6.85 -18.62 -10.21
N TYR A 9 5.94 -18.76 -9.25
CA TYR A 9 6.24 -18.71 -7.83
C TYR A 9 6.03 -20.07 -7.20
N THR A 10 6.96 -20.46 -6.31
CA THR A 10 6.82 -21.68 -5.53
C THR A 10 7.07 -21.30 -4.08
N ALA A 11 6.13 -21.62 -3.20
CA ALA A 11 6.31 -21.42 -1.76
C ALA A 11 6.15 -22.75 -1.06
N MET A 12 7.11 -23.11 -0.20
CA MET A 12 7.18 -24.44 0.40
C MET A 12 7.31 -24.28 1.91
N SER A 13 6.35 -24.82 2.67
CA SER A 13 6.56 -24.89 4.11
C SER A 13 7.43 -26.10 4.43
N ARG A 14 8.07 -26.09 5.60
CA ARG A 14 8.98 -27.16 5.99
C ARG A 14 9.11 -27.20 7.51
N PRO A 15 8.02 -27.55 8.20
CA PRO A 15 7.99 -27.41 9.67
C PRO A 15 9.17 -28.11 10.32
N GLY A 16 9.82 -27.40 11.25
CA GLY A 16 10.98 -27.92 11.93
C GLY A 16 12.30 -27.68 11.24
N ARG A 17 12.29 -27.37 9.94
CA ARG A 17 13.54 -27.12 9.21
C ARG A 17 13.54 -25.72 8.59
N GLY A 18 13.00 -24.74 9.29
CA GLY A 18 13.05 -23.36 8.87
C GLY A 18 11.70 -22.82 8.43
N GLU A 19 11.68 -21.51 8.21
CA GLU A 19 10.48 -20.83 7.75
C GLU A 19 10.26 -21.16 6.28
N PRO A 20 9.07 -20.89 5.76
CA PRO A 20 8.77 -21.29 4.38
C PRO A 20 9.67 -20.63 3.34
N ARG A 21 10.06 -21.43 2.34
CA ARG A 21 10.94 -20.98 1.27
C ARG A 21 10.10 -20.47 0.11
N PHE A 22 10.55 -19.37 -0.51
CA PHE A 22 9.86 -18.74 -1.64
C PHE A 22 10.85 -18.60 -2.78
N ILE A 23 10.50 -19.15 -3.95
CA ILE A 23 11.33 -19.07 -5.15
C ILE A 23 10.48 -18.42 -6.24
N ALA A 24 11.06 -17.44 -6.95
CA ALA A 24 10.40 -16.83 -8.10
C ALA A 24 11.30 -16.89 -9.32
N VAL A 25 10.72 -17.21 -10.48
CA VAL A 25 11.44 -17.12 -11.75
C VAL A 25 10.56 -16.37 -12.73
N GLY A 26 11.18 -15.56 -13.57
CA GLY A 26 10.45 -14.79 -14.59
C GLY A 26 10.92 -15.19 -15.97
N TYR A 27 9.99 -15.24 -16.93
CA TYR A 27 10.27 -15.55 -18.32
C TYR A 27 9.68 -14.51 -19.26
N VAL A 28 10.40 -14.24 -20.34
CA VAL A 28 9.83 -13.67 -21.56
C VAL A 28 9.90 -14.78 -22.60
N ASP A 29 8.74 -15.13 -23.19
CA ASP A 29 8.66 -16.31 -24.08
C ASP A 29 9.30 -17.48 -23.36
N ASP A 30 10.28 -18.18 -23.95
CA ASP A 30 10.89 -19.32 -23.30
C ASP A 30 12.27 -19.00 -22.74
N THR A 31 12.53 -17.72 -22.45
CA THR A 31 13.81 -17.26 -21.94
C THR A 31 13.66 -16.79 -20.50
N GLN A 32 14.26 -17.53 -19.57
CA GLN A 32 14.27 -17.07 -18.18
C GLN A 32 15.13 -15.83 -18.06
N PHE A 33 14.63 -14.79 -17.38
CA PHE A 33 15.44 -13.59 -17.24
C PHE A 33 15.71 -13.14 -15.80
N VAL A 34 14.98 -13.64 -14.80
CA VAL A 34 15.26 -13.27 -13.40
C VAL A 34 15.01 -14.47 -12.49
N ARG A 35 15.61 -14.45 -11.31
CA ARG A 35 15.35 -15.44 -10.29
C ARG A 35 15.47 -14.80 -8.91
N PHE A 36 14.76 -15.39 -7.95
CA PHE A 36 14.87 -14.99 -6.55
C PHE A 36 14.66 -16.24 -5.72
N ASP A 37 15.44 -16.40 -4.66
CA ASP A 37 15.32 -17.56 -3.78
C ASP A 37 15.54 -17.09 -2.35
N SER A 38 14.50 -17.19 -1.51
CA SER A 38 14.58 -16.72 -0.13
C SER A 38 15.58 -17.50 0.71
N ASP A 39 16.04 -18.66 0.25
CA ASP A 39 17.02 -19.41 1.04
C ASP A 39 18.46 -18.94 0.86
N ALA A 40 18.72 -17.93 0.03
CA ALA A 40 20.08 -17.40 -0.07
C ALA A 40 20.45 -16.65 1.22
N ALA A 41 21.76 -16.45 1.40
CA ALA A 41 22.25 -15.80 2.61
C ALA A 41 21.68 -14.39 2.76
N SER A 42 21.80 -13.57 1.72
CA SER A 42 21.19 -12.25 1.67
C SER A 42 20.40 -12.21 0.36
N PRO A 43 19.16 -12.66 0.38
CA PRO A 43 18.45 -12.94 -0.88
C PRO A 43 18.29 -11.69 -1.73
N ARG A 44 18.53 -11.85 -3.02
CA ARG A 44 18.46 -10.75 -3.98
C ARG A 44 17.92 -11.26 -5.30
N THR A 45 17.17 -10.42 -6.01
CA THR A 45 16.81 -10.75 -7.39
C THR A 45 18.08 -10.74 -8.24
N GLU A 46 18.24 -11.75 -9.08
CA GLU A 46 19.42 -11.87 -9.92
C GLU A 46 19.02 -12.01 -11.38
N PRO A 47 19.83 -11.46 -12.29
CA PRO A 47 19.57 -11.63 -13.72
C PRO A 47 19.96 -13.02 -14.20
N ARG A 48 19.18 -13.51 -15.17
CA ARG A 48 19.45 -14.81 -15.77
C ARG A 48 19.49 -14.75 -17.30
N ALA A 49 19.41 -13.56 -17.89
CA ALA A 49 19.74 -13.28 -19.28
C ALA A 49 20.43 -11.93 -19.38
N PRO A 50 21.39 -11.76 -20.30
CA PRO A 50 22.18 -10.51 -20.30
C PRO A 50 21.37 -9.26 -20.53
N TRP A 51 20.32 -9.29 -21.37
CA TRP A 51 19.64 -8.05 -21.74
C TRP A 51 18.88 -7.40 -20.59
N ILE A 52 18.49 -8.15 -19.56
CA ILE A 52 17.86 -7.52 -18.40
C ILE A 52 18.86 -6.66 -17.65
N GLU A 53 20.16 -6.83 -17.89
CA GLU A 53 21.15 -6.04 -17.18
C GLU A 53 21.29 -4.63 -17.75
N GLN A 54 20.48 -4.27 -18.73
CA GLN A 54 20.32 -2.87 -19.10
C GLN A 54 19.54 -2.07 -18.07
N GLU A 55 18.82 -2.75 -17.17
CA GLU A 55 18.11 -2.05 -16.10
C GLU A 55 19.12 -1.55 -15.06
N GLY A 56 18.77 -0.45 -14.40
CA GLY A 56 19.66 0.14 -13.39
C GLY A 56 19.53 -0.54 -12.03
N PRO A 57 20.39 -0.14 -11.09
CA PRO A 57 20.40 -0.79 -9.77
C PRO A 57 19.07 -0.71 -9.05
N GLU A 58 18.30 0.37 -9.29
CA GLU A 58 16.99 0.50 -8.67
C GLU A 58 16.05 -0.63 -9.08
N TYR A 59 16.17 -1.10 -10.32
CA TYR A 59 15.34 -2.21 -10.77
C TYR A 59 15.53 -3.42 -9.87
N TRP A 60 16.79 -3.75 -9.57
CA TRP A 60 17.09 -4.94 -8.78
C TRP A 60 16.63 -4.76 -7.33
N ASP A 61 16.86 -3.58 -6.76
CA ASP A 61 16.43 -3.33 -5.39
C ASP A 61 14.91 -3.44 -5.29
N ARG A 62 14.19 -2.87 -6.26
CA ARG A 62 12.72 -2.89 -6.16
C ARG A 62 12.17 -4.30 -6.34
N ASN A 63 12.67 -5.05 -7.31
CA ASN A 63 12.26 -6.44 -7.45
C ASN A 63 12.56 -7.22 -6.18
N THR A 64 13.72 -6.97 -5.58
CA THR A 64 14.07 -7.67 -4.34
C THR A 64 13.09 -7.32 -3.23
N GLN A 65 12.68 -6.04 -3.12
CA GLN A 65 11.70 -5.67 -2.09
C GLN A 65 10.40 -6.46 -2.27
N ILE A 66 9.93 -6.55 -3.52
CA ILE A 66 8.67 -7.23 -3.79
C ILE A 66 8.79 -8.71 -3.42
N PHE A 67 9.89 -9.36 -3.84
CA PHE A 67 9.96 -10.79 -3.60
C PHE A 67 10.20 -11.09 -2.11
N LYS A 68 10.95 -10.25 -1.41
CA LYS A 68 11.05 -10.40 0.04
C LYS A 68 9.69 -10.29 0.70
N THR A 69 8.86 -9.35 0.22
CA THR A 69 7.53 -9.21 0.81
C THR A 69 6.69 -10.45 0.50
N ASN A 70 6.76 -10.93 -0.75
CA ASN A 70 6.06 -12.16 -1.11
C ASN A 70 6.43 -13.32 -0.20
N THR A 71 7.71 -13.40 0.19
CA THR A 71 8.14 -14.46 1.08
C THR A 71 7.33 -14.44 2.37
N GLN A 72 7.11 -13.25 2.91
CA GLN A 72 6.31 -13.12 4.13
C GLN A 72 4.83 -13.38 3.85
N THR A 73 4.30 -12.83 2.75
CA THR A 73 2.89 -13.03 2.47
C THR A 73 2.57 -14.50 2.21
N TYR A 74 3.45 -15.23 1.54
CA TYR A 74 3.18 -16.64 1.31
C TYR A 74 3.30 -17.47 2.59
N ARG A 75 4.11 -17.03 3.56
CA ARG A 75 4.06 -17.66 4.88
C ARG A 75 2.65 -17.58 5.45
N GLU A 76 2.03 -16.40 5.33
CA GLU A 76 0.67 -16.24 5.85
C GLU A 76 -0.31 -17.06 5.02
N SER A 77 -0.14 -17.09 3.69
CA SER A 77 -1.03 -17.90 2.85
C SER A 77 -0.96 -19.37 3.23
N LEU A 78 0.25 -19.89 3.45
CA LEU A 78 0.39 -21.28 3.88
C LEU A 78 -0.32 -21.53 5.19
N ARG A 79 -0.18 -20.62 6.16
CA ARG A 79 -0.91 -20.76 7.42
C ARG A 79 -2.41 -20.75 7.19
N ASN A 80 -2.90 -19.83 6.34
CA ASN A 80 -4.33 -19.72 6.09
C ASN A 80 -4.89 -21.01 5.50
N LEU A 81 -4.20 -21.56 4.51
CA LEU A 81 -4.69 -22.76 3.85
C LEU A 81 -4.66 -23.97 4.79
N ARG A 82 -3.62 -24.08 5.63
CA ARG A 82 -3.67 -25.11 6.67
C ARG A 82 -4.93 -24.99 7.49
N GLY A 83 -5.33 -23.75 7.80
CA GLY A 83 -6.54 -23.56 8.58
C GLY A 83 -7.78 -23.96 7.79
N TYR A 84 -7.84 -23.58 6.51
CA TYR A 84 -9.03 -23.92 5.71
C TYR A 84 -9.24 -25.42 5.69
N TYR A 85 -8.15 -26.19 5.60
CA TYR A 85 -8.25 -27.64 5.47
C TYR A 85 -8.09 -28.37 6.80
N ASN A 86 -7.96 -27.64 7.92
CA ASN A 86 -7.77 -28.27 9.23
C ASN A 86 -6.58 -29.23 9.22
N GLN A 87 -5.48 -28.77 8.68
CA GLN A 87 -4.29 -29.60 8.54
C GLN A 87 -3.31 -29.35 9.69
N SER A 88 -2.55 -30.40 10.02
CA SER A 88 -1.55 -30.34 11.07
C SER A 88 -0.47 -29.32 10.75
N GLU A 89 0.11 -28.74 11.81
CA GLU A 89 1.25 -27.87 11.59
C GLU A 89 2.53 -28.65 11.25
N ALA A 90 2.52 -29.97 11.38
CA ALA A 90 3.71 -30.78 11.17
C ALA A 90 3.96 -31.15 9.71
N GLY A 91 2.97 -31.02 8.82
CA GLY A 91 3.14 -31.42 7.44
C GLY A 91 3.69 -30.31 6.56
N SER A 92 4.36 -30.70 5.47
CA SER A 92 4.90 -29.77 4.49
C SER A 92 3.93 -29.59 3.34
N HIS A 93 3.78 -28.35 2.88
CA HIS A 93 2.83 -28.03 1.83
C HIS A 93 3.44 -27.01 0.87
N ILE A 94 2.84 -26.92 -0.31
CA ILE A 94 3.38 -26.12 -1.39
C ILE A 94 2.26 -25.29 -2.01
N ILE A 95 2.47 -23.98 -2.16
CA ILE A 95 1.64 -23.14 -3.01
C ILE A 95 2.43 -22.79 -4.27
N GLN A 96 1.77 -22.89 -5.43
CA GLN A 96 2.39 -22.45 -6.68
C GLN A 96 1.49 -21.42 -7.35
N ARG A 97 2.12 -20.48 -8.06
CA ARG A 97 1.36 -19.50 -8.82
C ARG A 97 2.09 -19.23 -10.11
N MET A 98 1.32 -19.13 -11.20
CA MET A 98 1.85 -18.70 -12.47
C MET A 98 0.92 -17.67 -13.06
N TYR A 99 1.48 -16.54 -13.50
CA TYR A 99 0.65 -15.44 -14.02
C TYR A 99 1.43 -14.67 -15.07
N GLY A 100 0.71 -13.93 -15.90
CA GLY A 100 1.33 -12.98 -16.80
C GLY A 100 0.46 -12.75 -18.02
N CYS A 101 1.07 -12.13 -19.03
CA CYS A 101 0.33 -11.56 -20.16
C CYS A 101 0.84 -12.12 -21.49
N ASP A 102 -0.08 -12.26 -22.44
CA ASP A 102 0.22 -12.58 -23.83
C ASP A 102 0.00 -11.34 -24.67
N LEU A 103 0.94 -11.04 -25.56
CA LEU A 103 0.93 -9.77 -26.28
C LEU A 103 0.23 -9.94 -27.61
N GLY A 104 -0.72 -9.03 -27.89
CA GLY A 104 -1.47 -9.04 -29.12
C GLY A 104 -0.77 -8.27 -30.23
N PRO A 105 -1.30 -8.40 -31.45
CA PRO A 105 -0.65 -7.79 -32.61
C PRO A 105 -0.57 -6.28 -32.54
N ASP A 106 -1.55 -5.63 -31.91
CA ASP A 106 -1.53 -4.19 -31.73
C ASP A 106 -0.61 -3.74 -30.59
N GLY A 107 0.07 -4.67 -29.92
CA GLY A 107 0.91 -4.33 -28.78
C GLY A 107 0.15 -4.15 -27.48
N ARG A 108 -1.13 -4.53 -27.43
CA ARG A 108 -1.90 -4.53 -26.20
C ARG A 108 -2.18 -5.96 -25.77
N LEU A 109 -2.84 -6.09 -24.61
CA LEU A 109 -3.08 -7.40 -24.05
C LEU A 109 -3.93 -8.25 -24.98
N LEU A 110 -3.42 -9.45 -25.32
CA LEU A 110 -4.22 -10.47 -26.00
C LEU A 110 -5.00 -11.32 -25.00
N ARG A 111 -4.30 -11.83 -23.99
CA ARG A 111 -4.90 -12.65 -22.95
C ARG A 111 -4.09 -12.51 -21.67
N GLY A 112 -4.78 -12.43 -20.55
CA GLY A 112 -4.13 -12.42 -19.25
C GLY A 112 -4.34 -13.76 -18.55
N HIS A 113 -3.41 -14.08 -17.62
CA HIS A 113 -3.38 -15.36 -16.92
C HIS A 113 -3.01 -15.15 -15.45
N ASP A 114 -3.70 -15.87 -14.55
CA ASP A 114 -3.30 -15.93 -13.15
C ASP A 114 -3.93 -17.16 -12.51
N GLN A 115 -3.11 -18.12 -12.10
CA GLN A 115 -3.60 -19.36 -11.50
C GLN A 115 -2.74 -19.71 -10.30
N SER A 116 -3.37 -20.29 -9.28
CA SER A 116 -2.65 -20.79 -8.11
C SER A 116 -3.02 -22.23 -7.83
N ALA A 117 -2.10 -22.94 -7.19
CA ALA A 117 -2.27 -24.36 -6.89
C ALA A 117 -1.83 -24.60 -5.45
N TYR A 118 -2.41 -25.63 -4.83
CA TYR A 118 -2.02 -26.06 -3.50
C TYR A 118 -1.70 -27.54 -3.57
N ASP A 119 -0.48 -27.91 -3.14
CA ASP A 119 0.00 -29.29 -3.18
C ASP A 119 -0.16 -29.92 -4.57
N GLY A 120 0.15 -29.13 -5.59
CA GLY A 120 0.17 -29.60 -6.97
C GLY A 120 -1.19 -29.75 -7.63
N LYS A 121 -2.25 -29.23 -7.02
CA LYS A 121 -3.60 -29.34 -7.57
C LYS A 121 -4.18 -27.95 -7.75
N ASP A 122 -5.01 -27.79 -8.80
CA ASP A 122 -5.69 -26.51 -9.03
C ASP A 122 -6.34 -26.03 -7.75
N TYR A 123 -6.20 -24.73 -7.48
CA TYR A 123 -6.81 -24.13 -6.29
C TYR A 123 -7.70 -22.94 -6.70
N ILE A 124 -7.17 -21.91 -7.34
CA ILE A 124 -8.02 -20.82 -7.80
C ILE A 124 -7.40 -20.24 -9.05
N ALA A 125 -8.25 -19.74 -9.93
CA ALA A 125 -7.80 -19.18 -11.19
C ALA A 125 -8.62 -17.95 -11.55
N LEU A 126 -7.94 -16.94 -12.06
CA LEU A 126 -8.61 -15.79 -12.66
C LEU A 126 -9.19 -16.21 -14.01
N ASN A 127 -10.47 -15.93 -14.24
CA ASN A 127 -11.11 -16.26 -15.50
C ASN A 127 -10.61 -15.35 -16.62
N GLU A 128 -10.86 -15.77 -17.87
CA GLU A 128 -10.35 -15.03 -19.02
C GLU A 128 -10.90 -13.61 -19.08
N ASP A 129 -12.06 -13.34 -18.49
CA ASP A 129 -12.57 -11.97 -18.48
C ASP A 129 -11.83 -11.08 -17.48
N LEU A 130 -10.90 -11.63 -16.70
CA LEU A 130 -10.08 -10.88 -15.74
C LEU A 130 -10.94 -10.16 -14.71
N SER A 131 -12.15 -10.67 -14.46
CA SER A 131 -13.09 -10.00 -13.57
C SER A 131 -13.77 -10.94 -12.62
N SER A 132 -13.39 -12.22 -12.60
CA SER A 132 -14.07 -13.23 -11.81
C SER A 132 -13.13 -14.41 -11.65
N TRP A 133 -13.45 -15.28 -10.69
CA TRP A 133 -12.57 -16.37 -10.28
C TRP A 133 -13.27 -17.70 -10.46
N THR A 134 -12.46 -18.75 -10.70
CA THR A 134 -12.93 -20.13 -10.61
C THR A 134 -12.23 -20.81 -9.44
N ALA A 135 -12.99 -21.20 -8.42
CA ALA A 135 -12.47 -21.89 -7.26
C ALA A 135 -12.61 -23.40 -7.45
N ALA A 136 -11.54 -24.14 -7.13
CA ALA A 136 -11.52 -25.58 -7.38
C ALA A 136 -12.28 -26.39 -6.34
N ASP A 137 -12.46 -25.87 -5.13
CA ASP A 137 -13.11 -26.61 -4.06
C ASP A 137 -13.65 -25.62 -3.02
N THR A 138 -14.17 -26.17 -1.93
CA THR A 138 -14.81 -25.34 -0.90
C THR A 138 -13.80 -24.41 -0.24
N ALA A 139 -12.59 -24.90 0.02
CA ALA A 139 -11.58 -24.04 0.64
C ALA A 139 -11.24 -22.85 -0.24
N ALA A 140 -11.07 -23.10 -1.55
CA ALA A 140 -10.78 -22.01 -2.48
C ALA A 140 -11.91 -21.00 -2.56
N GLN A 141 -13.14 -21.40 -2.22
CA GLN A 141 -14.22 -20.42 -2.16
C GLN A 141 -14.05 -19.44 -1.00
N ILE A 142 -13.32 -19.83 0.06
CA ILE A 142 -12.96 -18.89 1.11
C ILE A 142 -12.05 -17.81 0.53
N THR A 143 -10.98 -18.24 -0.15
CA THR A 143 -10.12 -17.29 -0.84
C THR A 143 -10.90 -16.41 -1.80
N GLN A 144 -11.82 -17.01 -2.57
CA GLN A 144 -12.59 -16.26 -3.56
C GLN A 144 -13.41 -15.14 -2.90
N ARG A 145 -14.11 -15.45 -1.79
CA ARG A 145 -14.88 -14.41 -1.12
C ARG A 145 -13.97 -13.29 -0.61
N LYS A 146 -12.80 -13.66 -0.07
CA LYS A 146 -11.87 -12.65 0.42
C LYS A 146 -11.35 -11.79 -0.73
N TRP A 147 -11.00 -12.43 -1.85
CA TRP A 147 -10.45 -11.69 -2.98
C TRP A 147 -11.52 -10.87 -3.70
N GLU A 148 -12.78 -11.32 -3.68
CA GLU A 148 -13.86 -10.49 -4.20
C GLU A 148 -14.00 -9.21 -3.37
N ALA A 149 -14.00 -9.34 -2.04
CA ALA A 149 -14.13 -8.14 -1.21
C ALA A 149 -12.93 -7.22 -1.39
N ALA A 150 -11.75 -7.79 -1.53
CA ALA A 150 -10.51 -7.03 -1.65
C ALA A 150 -10.26 -6.50 -3.07
N ARG A 151 -11.07 -6.91 -4.05
CA ARG A 151 -10.97 -6.44 -5.44
C ARG A 151 -9.63 -6.82 -6.05
N VAL A 152 -9.18 -8.03 -5.74
CA VAL A 152 -7.96 -8.57 -6.33
C VAL A 152 -8.08 -8.69 -7.84
N ALA A 153 -9.28 -9.03 -8.35
CA ALA A 153 -9.40 -9.18 -9.79
C ALA A 153 -9.16 -7.84 -10.50
N GLU A 154 -9.69 -6.73 -9.95
CA GLU A 154 -9.41 -5.41 -10.50
C GLU A 154 -7.91 -5.12 -10.50
N GLN A 155 -7.22 -5.46 -9.41
CA GLN A 155 -5.78 -5.22 -9.35
C GLN A 155 -5.06 -6.01 -10.46
N LEU A 156 -5.41 -7.28 -10.61
CA LEU A 156 -4.76 -8.11 -11.61
C LEU A 156 -5.09 -7.65 -13.02
N ARG A 157 -6.36 -7.31 -13.27
CA ARG A 157 -6.73 -6.83 -14.59
C ARG A 157 -5.92 -5.60 -14.97
N ALA A 158 -5.77 -4.64 -14.05
CA ALA A 158 -4.98 -3.44 -14.36
C ALA A 158 -3.53 -3.82 -14.65
N TYR A 159 -2.94 -4.68 -13.82
CA TYR A 159 -1.57 -5.12 -14.05
C TYR A 159 -1.43 -5.78 -15.41
N LEU A 160 -2.35 -6.71 -15.72
CA LEU A 160 -2.21 -7.49 -16.95
C LEU A 160 -2.39 -6.62 -18.18
N GLU A 161 -3.31 -5.66 -18.12
CA GLU A 161 -3.54 -4.77 -19.24
C GLU A 161 -2.54 -3.63 -19.30
N GLY A 162 -1.84 -3.35 -18.18
CA GLY A 162 -1.01 -2.18 -18.08
C GLY A 162 0.45 -2.50 -17.91
N LEU A 163 0.90 -2.53 -16.64
CA LEU A 163 2.30 -2.72 -16.33
C LEU A 163 2.88 -3.96 -17.03
N CYS A 164 2.12 -5.05 -17.05
CA CYS A 164 2.64 -6.29 -17.62
C CYS A 164 2.96 -6.11 -19.10
N VAL A 165 2.01 -5.57 -19.88
CA VAL A 165 2.30 -5.40 -21.30
C VAL A 165 3.33 -4.28 -21.51
N GLU A 166 3.30 -3.22 -20.70
CA GLU A 166 4.30 -2.16 -20.87
C GLU A 166 5.73 -2.70 -20.74
N TRP A 167 5.98 -3.49 -19.69
CA TRP A 167 7.34 -4.00 -19.46
C TRP A 167 7.68 -5.18 -20.37
N LEU A 168 6.69 -6.01 -20.73
CA LEU A 168 6.96 -7.02 -21.75
C LEU A 168 7.47 -6.39 -23.05
N ARG A 169 6.82 -5.32 -23.53
CA ARG A 169 7.29 -4.64 -24.74
C ARG A 169 8.69 -4.06 -24.54
N ARG A 170 8.95 -3.48 -23.37
CA ARG A 170 10.29 -2.96 -23.08
C ARG A 170 11.34 -4.06 -23.16
N TYR A 171 11.08 -5.21 -22.52
CA TYR A 171 12.04 -6.31 -22.53
C TYR A 171 12.26 -6.83 -23.95
N LEU A 172 11.19 -6.96 -24.73
CA LEU A 172 11.30 -7.46 -26.11
C LEU A 172 12.17 -6.53 -26.95
N GLU A 173 12.05 -5.23 -26.73
CA GLU A 173 12.89 -4.29 -27.47
C GLU A 173 14.33 -4.34 -26.96
N ASN A 174 14.51 -4.34 -25.64
CA ASN A 174 15.86 -4.39 -25.08
C ASN A 174 16.59 -5.68 -25.43
N GLY A 175 15.86 -6.81 -25.49
CA GLY A 175 16.47 -8.07 -25.87
C GLY A 175 16.18 -8.51 -27.29
N LYS A 176 15.85 -7.54 -28.15
CA LYS A 176 15.37 -7.84 -29.51
C LYS A 176 16.28 -8.83 -30.24
N GLU A 177 17.60 -8.67 -30.09
CA GLU A 177 18.52 -9.45 -30.91
C GLU A 177 18.50 -10.93 -30.58
N THR A 178 18.12 -11.29 -29.36
CA THR A 178 17.98 -12.69 -28.98
C THR A 178 16.54 -13.13 -28.82
N LEU A 179 15.65 -12.25 -28.34
CA LEU A 179 14.26 -12.64 -28.11
C LEU A 179 13.44 -12.67 -29.39
N GLN A 180 13.76 -11.81 -30.35
CA GLN A 180 12.95 -11.68 -31.55
C GLN A 180 13.63 -12.27 -32.78
N ARG A 181 14.54 -13.22 -32.60
CA ARG A 181 15.12 -13.96 -33.71
C ARG A 181 15.02 -15.45 -33.40
N ALA A 182 14.29 -16.17 -34.22
CA ALA A 182 14.15 -17.61 -34.00
C ALA A 182 15.40 -18.34 -34.47
N ASP A 183 15.77 -19.36 -33.70
CA ASP A 183 16.89 -20.23 -34.07
CA ASP A 183 16.88 -20.24 -34.07
C ASP A 183 16.29 -21.52 -34.64
N PRO A 184 16.44 -21.81 -35.93
CA PRO A 184 15.79 -22.98 -36.50
C PRO A 184 16.45 -24.26 -35.99
N PRO A 185 15.71 -25.37 -35.95
CA PRO A 185 16.33 -26.63 -35.51
C PRO A 185 17.31 -27.13 -36.56
N LYS A 186 18.38 -27.73 -36.07
CA LYS A 186 19.23 -28.60 -36.88
C LYS A 186 18.63 -29.99 -36.81
N THR A 187 18.44 -30.63 -37.97
CA THR A 187 17.64 -31.84 -38.04
C THR A 187 18.42 -32.97 -38.69
N HIS A 188 18.12 -34.21 -38.27
CA HIS A 188 18.55 -35.39 -39.02
C HIS A 188 17.66 -36.58 -38.66
N VAL A 189 17.79 -37.64 -39.45
CA VAL A 189 17.02 -38.86 -39.25
C VAL A 189 18.01 -40.00 -39.02
N THR A 190 17.75 -40.83 -38.03
CA THR A 190 18.55 -42.02 -37.76
C THR A 190 17.67 -43.27 -37.87
N HIS A 191 18.33 -44.42 -38.01
CA HIS A 191 17.68 -45.69 -38.29
C HIS A 191 18.37 -46.79 -37.50
N HIS A 192 17.59 -47.60 -36.79
CA HIS A 192 18.17 -48.70 -36.05
C HIS A 192 17.25 -49.91 -36.08
N PRO A 193 17.74 -51.06 -36.55
CA PRO A 193 16.92 -52.28 -36.47
C PRO A 193 16.57 -52.63 -35.03
N VAL A 194 15.35 -53.11 -34.84
CA VAL A 194 14.94 -53.69 -33.57
C VAL A 194 14.54 -55.15 -33.71
N SER A 195 14.38 -55.65 -34.93
CA SER A 195 14.03 -57.04 -35.19
C SER A 195 14.65 -57.43 -36.53
N ASP A 196 14.46 -58.69 -36.91
CA ASP A 196 14.68 -59.08 -38.29
C ASP A 196 13.76 -58.32 -39.24
N HIS A 197 12.66 -57.77 -38.74
CA HIS A 197 11.60 -57.29 -39.59
C HIS A 197 11.10 -55.90 -39.25
N GLU A 198 11.69 -55.22 -38.27
CA GLU A 198 11.26 -53.89 -37.87
C GLU A 198 12.46 -53.02 -37.53
N ALA A 199 12.29 -51.71 -37.69
CA ALA A 199 13.35 -50.76 -37.36
C ALA A 199 12.75 -49.48 -36.81
N THR A 200 13.54 -48.78 -36.02
CA THR A 200 13.15 -47.47 -35.51
C THR A 200 13.71 -46.39 -36.41
N LEU A 201 12.83 -45.48 -36.84
CA LEU A 201 13.23 -44.22 -37.47
C LEU A 201 13.04 -43.11 -36.46
N ARG A 202 14.09 -42.33 -36.20
CA ARG A 202 14.02 -41.25 -35.22
C ARG A 202 14.36 -39.94 -35.89
N CYS A 203 13.51 -38.94 -35.68
CA CYS A 203 13.67 -37.63 -36.28
C CYS A 203 14.12 -36.66 -35.18
N TRP A 204 15.27 -36.03 -35.37
CA TRP A 204 15.87 -35.17 -34.35
C TRP A 204 15.70 -33.69 -34.72
N ALA A 205 15.42 -32.87 -33.71
CA ALA A 205 15.41 -31.42 -33.88
C ALA A 205 16.25 -30.83 -32.76
N LEU A 206 17.35 -30.16 -33.11
CA LEU A 206 18.34 -29.77 -32.10
C LEU A 206 18.64 -28.28 -32.20
N GLY A 207 18.87 -27.66 -31.04
CA GLY A 207 19.31 -26.27 -30.97
C GLY A 207 18.32 -25.23 -31.44
N PHE A 208 17.03 -25.43 -31.19
CA PHE A 208 16.03 -24.49 -31.70
C PHE A 208 15.48 -23.59 -30.59
N TYR A 209 14.98 -22.44 -31.02
CA TYR A 209 14.35 -21.46 -30.14
C TYR A 209 13.37 -20.65 -30.99
N PRO A 210 12.13 -20.42 -30.53
CA PRO A 210 11.61 -20.84 -29.21
C PRO A 210 11.26 -22.33 -29.13
N ALA A 211 10.69 -22.74 -27.99
CA ALA A 211 10.47 -24.16 -27.74
C ALA A 211 9.35 -24.74 -28.58
N GLU A 212 8.36 -23.93 -28.95
CA GLU A 212 7.25 -24.41 -29.76
C GLU A 212 7.74 -25.05 -31.07
N ILE A 213 7.33 -26.28 -31.34
CA ILE A 213 7.76 -26.97 -32.56
C ILE A 213 6.75 -28.08 -32.85
N THR A 214 6.67 -28.48 -34.11
CA THR A 214 5.82 -29.61 -34.49
C THR A 214 6.70 -30.60 -35.23
N LEU A 215 6.89 -31.77 -34.64
CA LEU A 215 7.65 -32.87 -35.23
C LEU A 215 6.68 -34.01 -35.50
N THR A 216 6.53 -34.39 -36.76
CA THR A 216 5.53 -35.39 -37.09
C THR A 216 6.12 -36.39 -38.09
N TRP A 217 5.78 -37.66 -37.91
CA TRP A 217 6.07 -38.67 -38.91
C TRP A 217 4.83 -38.91 -39.75
N GLN A 218 5.02 -38.99 -41.06
CA GLN A 218 3.97 -39.38 -42.00
C GLN A 218 4.37 -40.67 -42.69
N ARG A 219 3.38 -41.50 -42.98
CA ARG A 219 3.53 -42.70 -43.80
C ARG A 219 2.65 -42.51 -45.01
N ASP A 220 3.25 -42.48 -46.20
CA ASP A 220 2.47 -42.19 -47.42
C ASP A 220 1.70 -40.89 -47.26
N GLY A 221 2.31 -39.90 -46.61
CA GLY A 221 1.66 -38.62 -46.41
C GLY A 221 0.58 -38.57 -45.34
N GLU A 222 0.42 -39.61 -44.52
CA GLU A 222 -0.59 -39.62 -43.47
C GLU A 222 0.07 -39.55 -42.10
N ASP A 223 -0.36 -38.59 -41.28
CA ASP A 223 0.19 -38.43 -39.93
C ASP A 223 0.08 -39.72 -39.12
N GLN A 224 1.17 -40.06 -38.42
CA GLN A 224 1.29 -41.28 -37.62
C GLN A 224 1.26 -40.97 -36.12
N THR A 225 0.34 -40.10 -35.72
CA THR A 225 0.37 -39.52 -34.38
C THR A 225 0.31 -40.60 -33.30
N GLN A 226 -0.64 -41.52 -33.41
CA GLN A 226 -0.83 -42.49 -32.34
C GLN A 226 0.30 -43.51 -32.28
N ASP A 227 1.06 -43.65 -33.37
CA ASP A 227 2.16 -44.59 -33.43
C ASP A 227 3.51 -43.93 -33.17
N THR A 228 3.55 -42.64 -32.88
CA THR A 228 4.80 -41.90 -32.78
C THR A 228 5.15 -41.70 -31.31
N GLU A 229 6.37 -42.06 -30.94
CA GLU A 229 6.91 -41.73 -29.64
C GLU A 229 7.52 -40.33 -29.72
N LEU A 230 7.01 -39.41 -28.91
CA LEU A 230 7.53 -38.05 -28.80
C LEU A 230 8.11 -37.87 -27.41
N VAL A 231 9.39 -37.47 -27.32
CA VAL A 231 9.91 -37.09 -26.01
C VAL A 231 9.54 -35.65 -25.71
N GLU A 232 9.48 -35.38 -24.42
CA GLU A 232 9.29 -34.02 -23.95
C GLU A 232 10.41 -33.14 -24.49
N THR A 233 10.04 -31.98 -25.00
CA THR A 233 11.03 -30.98 -25.38
C THR A 233 11.91 -30.67 -24.17
N ARG A 234 13.22 -30.59 -24.41
CA ARG A 234 14.16 -30.49 -23.29
C ARG A 234 15.20 -29.41 -23.53
N PRO A 235 15.70 -28.78 -22.44
CA PRO A 235 16.68 -27.71 -22.60
C PRO A 235 18.05 -28.28 -22.96
N ALA A 236 18.71 -27.64 -23.93
CA ALA A 236 20.10 -27.93 -24.23
C ALA A 236 21.06 -27.37 -23.19
N GLY A 237 20.64 -26.36 -22.42
CA GLY A 237 21.49 -25.68 -21.45
C GLY A 237 22.05 -24.35 -21.91
N ASP A 238 21.91 -24.04 -23.19
CA ASP A 238 22.40 -22.78 -23.78
C ASP A 238 21.25 -21.88 -24.21
N ARG A 239 20.06 -22.12 -23.66
CA ARG A 239 18.78 -21.43 -23.85
C ARG A 239 18.05 -21.94 -25.09
N THR A 240 18.62 -22.89 -25.85
CA THR A 240 17.90 -23.55 -26.93
C THR A 240 17.37 -24.91 -26.45
N PHE A 241 16.66 -25.60 -27.35
CA PHE A 241 15.87 -26.78 -27.01
C PHE A 241 16.15 -27.95 -27.94
N GLN A 242 15.74 -29.14 -27.51
CA GLN A 242 15.94 -30.36 -28.28
C GLN A 242 14.68 -31.21 -28.20
N LYS A 243 14.44 -32.00 -29.24
CA LYS A 243 13.29 -32.88 -29.26
C LYS A 243 13.54 -33.96 -30.30
N TRP A 244 12.93 -35.12 -30.10
CA TRP A 244 12.91 -36.11 -31.17
C TRP A 244 11.56 -36.82 -31.18
N ALA A 245 11.31 -37.48 -32.31
CA ALA A 245 10.09 -38.23 -32.55
C ALA A 245 10.51 -39.54 -33.22
N ALA A 246 9.96 -40.67 -32.76
CA ALA A 246 10.36 -41.98 -33.28
C ALA A 246 9.14 -42.82 -33.64
N VAL A 247 9.27 -43.60 -34.72
CA VAL A 247 8.28 -44.60 -35.10
C VAL A 247 9.00 -45.91 -35.38
N VAL A 248 8.37 -47.03 -35.00
CA VAL A 248 8.87 -48.35 -35.38
C VAL A 248 8.15 -48.77 -36.66
N VAL A 249 8.91 -49.13 -37.68
CA VAL A 249 8.30 -49.38 -39.00
C VAL A 249 8.74 -50.75 -39.51
N PRO A 250 7.95 -51.34 -40.40
CA PRO A 250 8.36 -52.61 -41.02
C PRO A 250 9.58 -52.40 -41.91
N SER A 251 10.54 -53.32 -41.79
CA SER A 251 11.68 -53.30 -42.69
C SER A 251 11.20 -53.37 -44.13
N GLY A 252 11.73 -52.49 -44.98
CA GLY A 252 11.29 -52.38 -46.36
C GLY A 252 10.29 -51.26 -46.60
N GLU A 253 9.72 -50.68 -45.54
CA GLU A 253 8.78 -49.56 -45.64
C GLU A 253 9.41 -48.21 -45.37
N GLU A 254 10.70 -48.14 -45.04
CA GLU A 254 11.31 -46.89 -44.58
C GLU A 254 11.12 -45.74 -45.57
N GLN A 255 11.18 -46.04 -46.87
CA GLN A 255 11.03 -45.01 -47.89
C GLN A 255 9.63 -44.40 -47.88
N ARG A 256 8.64 -45.06 -47.28
CA ARG A 256 7.30 -44.48 -47.17
C ARG A 256 7.20 -43.43 -46.06
N TYR A 257 8.22 -43.27 -45.22
CA TYR A 257 8.12 -42.42 -44.04
C TYR A 257 8.88 -41.11 -44.23
N THR A 258 8.23 -40.01 -43.87
CA THR A 258 8.84 -38.68 -43.92
C THR A 258 8.61 -37.98 -42.59
N CYS A 259 9.66 -37.32 -42.12
CA CYS A 259 9.57 -36.50 -40.92
C CYS A 259 9.31 -35.07 -41.34
N HIS A 260 8.29 -34.46 -40.76
CA HIS A 260 7.92 -33.09 -41.05
C HIS A 260 8.21 -32.22 -39.84
N VAL A 261 8.89 -31.10 -40.08
CA VAL A 261 9.33 -30.20 -39.01
C VAL A 261 8.76 -28.83 -39.27
N GLN A 262 8.02 -28.29 -38.32
CA GLN A 262 7.51 -26.94 -38.40
C GLN A 262 8.05 -26.13 -37.24
N HIS A 263 8.69 -25.00 -37.55
CA HIS A 263 9.28 -24.15 -36.53
C HIS A 263 9.34 -22.73 -37.07
N GLU A 264 9.16 -21.76 -36.16
CA GLU A 264 9.17 -20.35 -36.57
C GLU A 264 10.47 -19.96 -37.27
N GLY A 265 11.59 -20.61 -36.92
CA GLY A 265 12.88 -20.31 -37.52
C GLY A 265 13.08 -20.86 -38.92
N LEU A 266 12.23 -21.76 -39.36
CA LEU A 266 12.39 -22.37 -40.68
C LEU A 266 11.69 -21.52 -41.73
N PRO A 267 12.33 -21.25 -42.88
CA PRO A 267 11.62 -20.50 -43.95
C PRO A 267 10.40 -21.23 -44.47
N LYS A 268 10.50 -22.55 -44.61
CA LYS A 268 9.40 -23.42 -44.99
C LYS A 268 9.51 -24.66 -44.13
N PRO A 269 8.40 -25.35 -43.86
CA PRO A 269 8.48 -26.62 -43.14
C PRO A 269 9.42 -27.59 -43.85
N LEU A 270 10.14 -28.37 -43.06
CA LEU A 270 11.06 -29.36 -43.61
C LEU A 270 10.36 -30.69 -43.81
N THR A 271 10.79 -31.40 -44.85
CA THR A 271 10.42 -32.80 -45.07
C THR A 271 11.72 -33.60 -45.13
N LEU A 272 11.87 -34.54 -44.21
CA LEU A 272 13.09 -35.31 -44.09
C LEU A 272 12.82 -36.80 -44.31
N ARG A 273 13.79 -37.49 -44.88
CA ARG A 273 13.73 -38.93 -45.11
C ARG A 273 15.01 -39.56 -44.58
N TRP A 274 14.94 -40.85 -44.25
CA TRP A 274 16.15 -41.58 -43.94
C TRP A 274 16.98 -41.75 -45.20
N GLU A 275 18.25 -41.38 -45.13
CA GLU A 275 19.17 -41.49 -46.27
C GLU A 275 20.35 -42.36 -45.85
N PRO A 276 20.29 -43.68 -46.11
CA PRO A 276 21.46 -44.51 -45.80
C PRO A 276 22.56 -44.27 -46.83
N GLN B 2 1.33 -37.11 -5.48
CA GLN B 2 2.75 -37.30 -5.76
C GLN B 2 2.96 -37.82 -7.19
N ARG B 3 3.90 -37.21 -7.91
CA ARG B 3 4.21 -37.55 -9.29
C ARG B 3 5.69 -37.88 -9.42
N THR B 4 6.01 -39.01 -10.05
CA THR B 4 7.39 -39.46 -10.11
C THR B 4 8.14 -38.77 -11.25
N PRO B 5 9.45 -38.55 -11.09
CA PRO B 5 10.20 -37.79 -12.11
C PRO B 5 10.42 -38.58 -13.40
N LYS B 6 10.24 -37.88 -14.52
CA LYS B 6 10.77 -38.33 -15.81
C LYS B 6 12.22 -37.88 -15.90
N ILE B 7 13.05 -38.69 -16.57
CA ILE B 7 14.49 -38.45 -16.58
C ILE B 7 14.99 -38.60 -18.01
N GLN B 8 15.68 -37.58 -18.52
CA GLN B 8 16.41 -37.69 -19.79
C GLN B 8 17.86 -37.34 -19.54
N VAL B 9 18.77 -38.10 -20.17
CA VAL B 9 20.21 -37.94 -19.98
C VAL B 9 20.82 -37.76 -21.36
N TYR B 10 21.53 -36.66 -21.59
CA TYR B 10 21.92 -36.32 -22.95
C TYR B 10 23.01 -35.26 -22.91
N SER B 11 23.66 -35.05 -24.05
CA SER B 11 24.68 -34.01 -24.14
C SER B 11 24.10 -32.78 -24.84
N ARG B 12 24.71 -31.63 -24.58
CA ARG B 12 24.28 -30.40 -25.23
C ARG B 12 24.54 -30.45 -26.73
N HIS B 13 25.70 -30.96 -27.15
CA HIS B 13 26.10 -31.10 -28.53
C HIS B 13 26.27 -32.57 -28.88
N PRO B 14 26.23 -32.91 -30.16
CA PRO B 14 26.58 -34.29 -30.56
C PRO B 14 27.92 -34.70 -29.98
N ALA B 15 27.93 -35.84 -29.30
CA ALA B 15 29.11 -36.27 -28.58
C ALA B 15 30.18 -36.73 -29.55
N GLU B 16 31.40 -36.21 -29.37
CA GLU B 16 32.58 -36.63 -30.10
C GLU B 16 33.66 -36.93 -29.07
N ASN B 17 34.25 -38.13 -29.14
CA ASN B 17 35.26 -38.50 -28.17
C ASN B 17 36.41 -37.51 -28.18
N GLY B 18 36.80 -37.06 -27.00
CA GLY B 18 37.89 -36.12 -26.85
C GLY B 18 37.51 -34.66 -26.95
N LYS B 19 36.24 -34.35 -27.21
CA LYS B 19 35.82 -32.97 -27.42
C LYS B 19 34.92 -32.54 -26.26
N SER B 20 35.25 -31.38 -25.68
CA SER B 20 34.49 -30.88 -24.53
C SER B 20 33.04 -30.59 -24.91
N ASN B 21 32.15 -30.81 -23.95
CA ASN B 21 30.71 -30.83 -24.18
C ASN B 21 30.04 -30.53 -22.84
N PHE B 22 28.71 -30.62 -22.80
CA PHE B 22 27.98 -30.56 -21.54
C PHE B 22 27.11 -31.81 -21.41
N LEU B 23 27.15 -32.43 -20.23
CA LEU B 23 26.30 -33.57 -19.90
C LEU B 23 25.11 -33.07 -19.11
N ASN B 24 23.90 -33.38 -19.58
CA ASN B 24 22.65 -32.91 -19.01
C ASN B 24 21.84 -34.07 -18.44
N CYS B 25 21.26 -33.84 -17.26
CA CYS B 25 20.19 -34.70 -16.73
C CYS B 25 18.99 -33.81 -16.48
N TYR B 26 17.95 -33.99 -17.29
CA TYR B 26 16.71 -33.22 -17.20
C TYR B 26 15.66 -34.04 -16.45
N VAL B 27 15.24 -33.56 -15.29
CA VAL B 27 14.21 -34.22 -14.50
C VAL B 27 12.95 -33.36 -14.52
N SER B 28 11.82 -33.98 -14.82
CA SER B 28 10.60 -33.21 -15.02
C SER B 28 9.41 -34.02 -14.55
N GLY B 29 8.27 -33.36 -14.46
CA GLY B 29 7.04 -34.07 -14.17
C GLY B 29 6.89 -34.55 -12.75
N PHE B 30 7.69 -34.04 -11.80
CA PHE B 30 7.66 -34.54 -10.43
C PHE B 30 6.96 -33.56 -9.49
N HIS B 31 6.48 -34.11 -8.39
CA HIS B 31 5.84 -33.33 -7.32
C HIS B 31 5.83 -34.21 -6.07
N PRO B 32 6.23 -33.71 -4.89
CA PRO B 32 6.65 -32.34 -4.55
C PRO B 32 8.07 -32.01 -5.04
N SER B 33 8.59 -30.87 -4.62
CA SER B 33 9.76 -30.30 -5.26
C SER B 33 11.09 -30.83 -4.75
N ASP B 34 11.16 -31.36 -3.53
CA ASP B 34 12.43 -31.90 -3.04
C ASP B 34 12.88 -33.06 -3.93
N ILE B 35 14.14 -33.00 -4.37
CA ILE B 35 14.69 -34.02 -5.24
C ILE B 35 16.20 -34.02 -5.11
N GLU B 36 16.80 -35.21 -5.21
CA GLU B 36 18.24 -35.38 -5.23
C GLU B 36 18.67 -35.90 -6.60
N VAL B 37 19.61 -35.20 -7.23
CA VAL B 37 20.10 -35.57 -8.56
C VAL B 37 21.62 -35.52 -8.54
N ASP B 38 22.25 -36.62 -8.94
CA ASP B 38 23.69 -36.68 -9.11
C ASP B 38 24.00 -37.16 -10.52
N LEU B 39 25.03 -36.58 -11.10
CA LEU B 39 25.63 -37.14 -12.31
C LEU B 39 26.76 -38.07 -11.90
N LEU B 40 26.85 -39.21 -12.57
CA LEU B 40 27.83 -40.24 -12.25
C LEU B 40 28.80 -40.45 -13.40
N LYS B 41 30.09 -40.54 -13.08
CA LYS B 41 31.13 -40.93 -14.03
C LYS B 41 31.72 -42.24 -13.54
N ASN B 42 31.50 -43.31 -14.32
CA ASN B 42 31.91 -44.66 -13.93
C ASN B 42 31.44 -44.99 -12.53
N GLY B 43 30.19 -44.65 -12.23
CA GLY B 43 29.59 -44.96 -10.95
C GLY B 43 29.90 -44.00 -9.83
N GLU B 44 30.84 -43.07 -10.04
CA GLU B 44 31.26 -42.14 -9.00
C GLU B 44 30.54 -40.80 -9.20
N ARG B 45 30.11 -40.21 -8.08
CA ARG B 45 29.44 -38.92 -8.13
C ARG B 45 30.39 -37.84 -8.64
N ILE B 46 29.92 -37.04 -9.59
CA ILE B 46 30.69 -35.93 -10.13
C ILE B 46 30.46 -34.70 -9.26
N GLU B 47 31.54 -34.08 -8.82
CA GLU B 47 31.43 -32.80 -8.13
C GLU B 47 31.29 -31.67 -9.15
N LYS B 48 30.96 -30.48 -8.65
CA LYS B 48 30.80 -29.30 -9.50
C LYS B 48 29.71 -29.53 -10.55
N VAL B 49 28.58 -30.05 -10.10
CA VAL B 49 27.38 -30.16 -10.92
C VAL B 49 26.46 -29.01 -10.56
N GLU B 50 25.98 -28.29 -11.56
CA GLU B 50 25.09 -27.15 -11.37
C GLU B 50 23.68 -27.51 -11.79
N HIS B 51 22.72 -26.67 -11.40
CA HIS B 51 21.36 -26.93 -11.84
C HIS B 51 20.61 -25.62 -12.02
N SER B 52 19.55 -25.69 -12.83
CA SER B 52 18.69 -24.57 -13.17
C SER B 52 17.82 -24.17 -11.97
N ASP B 53 17.15 -23.03 -12.11
CA ASP B 53 16.26 -22.54 -11.06
C ASP B 53 14.93 -23.28 -11.10
N LEU B 54 14.39 -23.58 -9.92
CA LEU B 54 13.15 -24.37 -9.84
C LEU B 54 12.02 -23.68 -10.60
N SER B 55 11.40 -24.43 -11.52
CA SER B 55 10.22 -23.93 -12.21
C SER B 55 9.27 -25.10 -12.42
N PHE B 56 8.15 -24.84 -13.09
CA PHE B 56 7.17 -25.90 -13.23
C PHE B 56 6.36 -25.69 -14.50
N SER B 57 5.67 -26.75 -14.90
CA SER B 57 4.91 -26.79 -16.14
C SER B 57 3.45 -26.42 -15.88
N LYS B 58 2.66 -26.38 -16.96
CA LYS B 58 1.25 -25.99 -16.87
C LYS B 58 0.45 -26.93 -15.99
N ASP B 59 0.87 -28.18 -15.83
CA ASP B 59 0.18 -29.11 -14.95
C ASP B 59 0.69 -29.07 -13.51
N TRP B 60 1.51 -28.07 -13.16
CA TRP B 60 2.11 -27.77 -11.86
C TRP B 60 3.29 -28.68 -11.53
N SER B 61 3.67 -29.63 -12.38
CA SER B 61 4.79 -30.48 -12.05
C SER B 61 6.10 -29.72 -12.28
N PHE B 62 7.09 -30.03 -11.43
CA PHE B 62 8.36 -29.31 -11.43
C PHE B 62 9.33 -29.88 -12.47
N TYR B 63 10.28 -29.04 -12.88
CA TYR B 63 11.39 -29.53 -13.69
C TYR B 63 12.65 -28.78 -13.32
N LEU B 64 13.78 -29.48 -13.48
CA LEU B 64 15.12 -28.98 -13.23
C LEU B 64 16.08 -29.60 -14.23
N LEU B 65 17.05 -28.81 -14.67
CA LEU B 65 18.16 -29.32 -15.48
C LEU B 65 19.41 -29.35 -14.62
N TYR B 66 20.04 -30.53 -14.52
CA TYR B 66 21.35 -30.67 -13.88
C TYR B 66 22.40 -30.85 -14.98
N TYR B 67 23.56 -30.20 -14.83
CA TYR B 67 24.53 -30.27 -15.92
C TYR B 67 25.95 -30.10 -15.39
N THR B 68 26.90 -30.70 -16.12
CA THR B 68 28.31 -30.50 -15.88
C THR B 68 29.03 -30.51 -17.22
N GLU B 69 30.12 -29.76 -17.30
CA GLU B 69 30.99 -29.86 -18.46
C GLU B 69 31.69 -31.21 -18.42
N PHE B 70 31.82 -31.87 -19.56
CA PHE B 70 32.56 -33.11 -19.61
C PHE B 70 33.19 -33.28 -20.98
N THR B 71 34.10 -34.26 -21.05
CA THR B 71 34.73 -34.65 -22.30
C THR B 71 34.50 -36.15 -22.47
N PRO B 72 33.54 -36.54 -23.30
CA PRO B 72 33.28 -37.97 -23.48
C PRO B 72 34.47 -38.67 -24.10
N THR B 73 34.62 -39.94 -23.75
CA THR B 73 35.60 -40.86 -24.33
C THR B 73 34.85 -42.12 -24.74
N GLU B 74 35.59 -43.08 -25.32
CA GLU B 74 34.98 -44.31 -25.76
C GLU B 74 34.43 -45.13 -24.60
N LYS B 75 35.19 -45.26 -23.52
CA LYS B 75 34.89 -46.23 -22.47
C LYS B 75 34.26 -45.63 -21.22
N ASP B 76 34.40 -44.33 -20.99
CA ASP B 76 33.82 -43.73 -19.80
C ASP B 76 32.30 -43.79 -19.87
N GLU B 77 31.68 -44.27 -18.79
CA GLU B 77 30.23 -44.39 -18.70
C GLU B 77 29.67 -43.29 -17.80
N TYR B 78 28.66 -42.59 -18.29
CA TYR B 78 28.00 -41.53 -17.55
C TYR B 78 26.56 -41.92 -17.29
N ALA B 79 26.02 -41.44 -16.18
CA ALA B 79 24.65 -41.76 -15.79
C ALA B 79 24.14 -40.66 -14.86
N CYS B 80 22.83 -40.70 -14.62
CA CYS B 80 22.15 -39.79 -13.72
C CYS B 80 21.46 -40.62 -12.65
N ARG B 81 21.63 -40.25 -11.38
CA ARG B 81 20.99 -40.93 -10.27
C ARG B 81 20.02 -39.97 -9.59
N VAL B 82 18.77 -40.39 -9.47
CA VAL B 82 17.69 -39.54 -8.98
C VAL B 82 17.02 -40.21 -7.80
N ASN B 83 16.80 -39.45 -6.72
CA ASN B 83 15.97 -39.93 -5.63
C ASN B 83 14.89 -38.90 -5.35
N HIS B 84 13.70 -39.41 -5.03
CA HIS B 84 12.50 -38.61 -4.86
C HIS B 84 11.56 -39.39 -3.97
N VAL B 85 10.66 -38.68 -3.29
CA VAL B 85 9.80 -39.34 -2.31
C VAL B 85 8.93 -40.40 -2.97
N THR B 86 8.68 -40.30 -4.28
CA THR B 86 7.94 -41.32 -5.00
C THR B 86 8.74 -42.56 -5.34
N LEU B 87 10.05 -42.59 -5.08
CA LEU B 87 10.90 -43.71 -5.46
C LEU B 87 11.35 -44.47 -4.23
N SER B 88 11.19 -45.80 -4.25
CA SER B 88 11.60 -46.61 -3.12
C SER B 88 13.12 -46.76 -3.06
N GLN B 89 13.80 -46.63 -4.19
CA GLN B 89 15.24 -46.61 -4.26
C GLN B 89 15.63 -45.64 -5.37
N PRO B 90 16.84 -45.08 -5.31
CA PRO B 90 17.28 -44.20 -6.40
C PRO B 90 17.20 -44.88 -7.75
N LYS B 91 16.80 -44.10 -8.76
CA LYS B 91 16.78 -44.54 -10.14
C LYS B 91 18.05 -44.07 -10.83
N ILE B 92 18.74 -45.00 -11.50
CA ILE B 92 19.96 -44.69 -12.24
C ILE B 92 19.64 -44.83 -13.72
N VAL B 93 19.85 -43.77 -14.49
CA VAL B 93 19.58 -43.77 -15.92
C VAL B 93 20.89 -43.52 -16.64
N LYS B 94 21.35 -44.50 -17.42
CA LYS B 94 22.60 -44.36 -18.15
C LYS B 94 22.45 -43.41 -19.33
N TRP B 95 23.53 -42.70 -19.63
CA TRP B 95 23.59 -41.89 -20.84
C TRP B 95 23.65 -42.78 -22.08
N ASP B 96 22.63 -42.71 -22.93
CA ASP B 96 22.59 -43.45 -24.19
C ASP B 96 23.09 -42.51 -25.28
N ARG B 97 24.38 -42.60 -25.58
CA ARG B 97 25.00 -41.69 -26.54
C ARG B 97 24.54 -42.00 -27.96
N GLN C 2 9.63 20.17 -2.93
CA GLN C 2 8.76 19.08 -2.49
C GLN C 2 8.61 17.97 -3.54
N LYS C 3 8.61 16.71 -3.08
CA LYS C 3 8.34 15.53 -3.91
C LYS C 3 6.86 15.34 -4.20
N VAL C 4 6.01 15.82 -3.33
CA VAL C 4 4.59 15.94 -3.55
C VAL C 4 4.26 17.39 -3.21
N THR C 5 3.69 18.14 -4.17
CA THR C 5 3.41 19.55 -3.96
C THR C 5 1.92 19.80 -4.16
N GLN C 6 1.26 20.40 -3.16
CA GLN C 6 -0.09 20.93 -3.34
C GLN C 6 0.02 22.41 -3.63
N ALA C 7 -0.68 22.88 -4.67
CA ALA C 7 -0.44 24.24 -5.11
C ALA C 7 -1.08 25.29 -4.22
N GLN C 8 -2.21 24.98 -3.58
CA GLN C 8 -2.95 25.95 -2.79
C GLN C 8 -2.67 25.74 -1.30
N SER C 9 -2.52 26.84 -0.55
CA SER C 9 -2.43 26.64 0.90
C SER C 9 -3.78 26.79 1.58
N SER C 10 -4.65 27.64 1.04
CA SER C 10 -5.98 27.80 1.60
CA SER C 10 -5.97 27.86 1.61
C SER C 10 -6.91 28.27 0.49
N VAL C 11 -8.10 27.67 0.45
CA VAL C 11 -9.11 27.94 -0.57
C VAL C 11 -10.44 28.12 0.14
N SER C 12 -11.27 29.04 -0.37
CA SER C 12 -12.63 29.24 0.12
C SER C 12 -13.59 29.06 -1.06
N MET C 13 -14.75 28.44 -0.80
CA MET C 13 -15.73 28.22 -1.87
C MET C 13 -17.14 28.18 -1.28
N PRO C 14 -18.14 28.70 -1.99
CA PRO C 14 -19.52 28.60 -1.47
C PRO C 14 -20.05 27.17 -1.42
N VAL C 15 -20.98 26.96 -0.47
CA VAL C 15 -21.80 25.75 -0.48
C VAL C 15 -22.44 25.54 -1.85
N ARG C 16 -22.57 24.25 -2.21
CA ARG C 16 -23.24 23.71 -3.40
C ARG C 16 -22.41 23.90 -4.68
N LYS C 17 -21.27 24.58 -4.62
CA LYS C 17 -20.40 24.69 -5.79
C LYS C 17 -19.42 23.50 -5.79
N ALA C 18 -18.43 23.55 -6.67
CA ALA C 18 -17.38 22.53 -6.71
C ALA C 18 -16.02 23.21 -6.50
N VAL C 19 -15.04 22.43 -6.08
CA VAL C 19 -13.70 22.96 -5.90
C VAL C 19 -12.69 21.93 -6.39
N THR C 20 -11.60 22.42 -6.96
CA THR C 20 -10.51 21.54 -7.41
C THR C 20 -9.25 21.87 -6.63
N LEU C 21 -8.65 20.85 -6.02
CA LEU C 21 -7.43 21.01 -5.24
C LEU C 21 -6.29 20.31 -5.96
N ASN C 22 -5.22 21.05 -6.25
CA ASN C 22 -4.16 20.57 -7.11
C ASN C 22 -3.10 19.78 -6.36
N CYS C 23 -2.55 18.78 -7.04
CA CYS C 23 -1.47 18.00 -6.45
C CYS C 23 -0.58 17.51 -7.58
N LEU C 24 0.73 17.78 -7.47
CA LEU C 24 1.72 17.31 -8.42
C LEU C 24 2.73 16.46 -7.64
N TYR C 25 3.31 15.46 -8.29
CA TYR C 25 4.23 14.57 -7.58
C TYR C 25 5.38 14.22 -8.51
N GLU C 26 6.46 13.69 -7.92
CA GLU C 26 7.56 13.13 -8.70
C GLU C 26 7.88 11.74 -8.18
N THR C 27 8.16 10.83 -9.09
CA THR C 27 8.56 9.48 -8.72
C THR C 27 9.24 8.82 -9.91
N SER C 28 10.18 7.93 -9.63
CA SER C 28 10.72 7.05 -10.66
C SER C 28 10.18 5.63 -10.53
N TRP C 29 9.30 5.37 -9.56
CA TRP C 29 8.71 4.04 -9.45
C TRP C 29 7.75 3.82 -10.62
N TRP C 30 7.69 2.57 -11.11
CA TRP C 30 6.78 2.22 -12.20
C TRP C 30 5.37 1.88 -11.69
N SER C 31 5.19 1.79 -10.36
CA SER C 31 3.92 1.41 -9.76
C SER C 31 3.74 2.24 -8.49
N TYR C 32 2.59 2.86 -8.35
CA TYR C 32 2.36 3.72 -7.19
C TYR C 32 0.87 4.00 -7.08
N TYR C 33 0.51 4.65 -5.98
CA TYR C 33 -0.84 5.14 -5.75
C TYR C 33 -0.77 6.55 -5.22
N ILE C 34 -1.83 7.32 -5.50
CA ILE C 34 -2.09 8.60 -4.85
C ILE C 34 -3.33 8.45 -3.99
N PHE C 35 -3.31 9.06 -2.81
CA PHE C 35 -4.44 8.99 -1.90
C PHE C 35 -4.75 10.42 -1.49
N TRP C 36 -6.04 10.74 -1.38
CA TRP C 36 -6.44 12.02 -0.80
C TRP C 36 -7.07 11.75 0.56
N TYR C 37 -6.67 12.54 1.55
CA TYR C 37 -7.21 12.47 2.90
C TYR C 37 -7.70 13.85 3.29
N LYS C 38 -8.57 13.90 4.29
CA LYS C 38 -8.82 15.19 4.93
C LYS C 38 -8.62 15.06 6.43
N GLN C 39 -8.19 16.17 7.02
CA GLN C 39 -7.86 16.20 8.45
C GLN C 39 -8.84 17.14 9.14
N LEU C 40 -9.47 16.64 10.20
CA LEU C 40 -10.45 17.42 10.96
C LEU C 40 -9.75 18.29 11.99
N PRO C 41 -10.49 19.21 12.62
CA PRO C 41 -9.89 19.96 13.73
C PRO C 41 -9.40 19.08 14.88
N SER C 42 -10.05 17.93 15.12
CA SER C 42 -9.59 16.99 16.13
C SER C 42 -8.24 16.37 15.80
N LYS C 43 -7.71 16.61 14.59
CA LYS C 43 -6.52 16.03 13.97
C LYS C 43 -6.79 14.68 13.32
N GLU C 44 -7.99 14.11 13.47
CA GLU C 44 -8.33 12.84 12.82
CA GLU C 44 -8.29 12.84 12.82
C GLU C 44 -8.07 12.93 11.31
N MET C 45 -7.50 11.86 10.73
CA MET C 45 -7.18 11.77 9.31
C MET C 45 -8.18 10.82 8.66
N ILE C 46 -8.92 11.29 7.64
CA ILE C 46 -10.03 10.56 7.03
C ILE C 46 -9.70 10.31 5.55
N PHE C 47 -9.72 9.03 5.15
CA PHE C 47 -9.49 8.67 3.75
C PHE C 47 -10.66 9.10 2.87
N LEU C 48 -10.35 9.69 1.70
CA LEU C 48 -11.37 10.12 0.76
C LEU C 48 -11.42 9.27 -0.51
N ILE C 49 -10.30 9.12 -1.21
CA ILE C 49 -10.32 8.52 -2.55
C ILE C 49 -8.91 8.09 -2.89
N ARG C 50 -8.79 6.99 -3.66
CA ARG C 50 -7.49 6.44 -4.05
C ARG C 50 -7.40 6.46 -5.58
N GLN C 51 -6.19 6.66 -6.08
CA GLN C 51 -5.92 6.71 -7.52
C GLN C 51 -4.71 5.82 -7.80
N GLY C 52 -4.91 4.71 -8.46
CA GLY C 52 -3.79 3.85 -8.81
C GLY C 52 -3.10 4.29 -10.10
N SER C 53 -1.79 4.04 -10.15
CA SER C 53 -1.02 4.46 -11.33
C SER C 53 -1.42 3.69 -12.58
N ASP C 54 -2.07 2.53 -12.44
CA ASP C 54 -2.46 1.68 -13.57
C ASP C 54 -3.96 1.73 -13.82
N GLU C 55 -4.68 2.69 -13.23
CA GLU C 55 -6.13 2.70 -13.33
C GLU C 55 -6.63 4.03 -13.89
N GLN C 56 -7.87 4.00 -14.40
CA GLN C 56 -8.50 5.21 -14.96
C GLN C 56 -8.85 6.19 -13.85
N ASN C 57 -9.30 7.39 -14.24
CA ASN C 57 -9.64 8.43 -13.26
C ASN C 57 -10.56 7.87 -12.17
N ALA C 58 -10.15 8.08 -10.92
CA ALA C 58 -10.93 7.61 -9.79
C ALA C 58 -12.17 8.47 -9.57
N LYS C 59 -13.26 7.83 -9.13
CA LYS C 59 -14.45 8.55 -8.73
C LYS C 59 -15.06 7.84 -7.54
N SER C 60 -15.49 8.61 -6.54
CA SER C 60 -16.08 8.02 -5.35
C SER C 60 -17.06 9.05 -4.77
N GLY C 61 -18.35 8.85 -5.05
CA GLY C 61 -19.34 9.81 -4.58
C GLY C 61 -19.04 11.20 -5.14
N ARG C 62 -18.96 12.20 -4.25
CA ARG C 62 -18.71 13.57 -4.66
C ARG C 62 -17.23 13.85 -4.94
N TYR C 63 -16.35 12.86 -4.79
CA TYR C 63 -14.92 13.03 -5.00
C TYR C 63 -14.51 12.47 -6.35
N SER C 64 -13.60 13.15 -7.05
CA SER C 64 -13.06 12.56 -8.26
C SER C 64 -11.64 13.04 -8.44
N VAL C 65 -10.81 12.23 -9.08
CA VAL C 65 -9.42 12.60 -9.36
C VAL C 65 -9.26 12.70 -10.87
N ASN C 66 -8.64 13.81 -11.34
CA ASN C 66 -8.31 13.97 -12.75
C ASN C 66 -6.85 13.52 -12.88
N PHE C 67 -6.64 12.24 -13.21
CA PHE C 67 -5.30 11.65 -13.22
C PHE C 67 -4.65 11.95 -14.58
N LYS C 68 -3.70 12.89 -14.58
CA LYS C 68 -2.94 13.23 -15.79
C LYS C 68 -1.56 12.61 -15.58
N LYS C 69 -1.41 11.35 -16.01
CA LYS C 69 -0.25 10.56 -15.58
C LYS C 69 1.05 11.10 -16.18
N ALA C 70 1.02 11.51 -17.44
CA ALA C 70 2.25 12.02 -18.05
C ALA C 70 2.69 13.30 -17.36
N ALA C 71 1.74 14.12 -16.90
CA ALA C 71 2.05 15.36 -16.17
C ALA C 71 2.28 15.13 -14.68
N LYS C 72 2.09 13.91 -14.20
CA LYS C 72 2.11 13.56 -12.77
C LYS C 72 1.28 14.55 -11.97
N SER C 73 0.04 14.71 -12.42
CA SER C 73 -0.92 15.62 -11.79
C SER C 73 -2.13 14.80 -11.35
N VAL C 74 -2.65 15.06 -10.14
CA VAL C 74 -3.73 14.25 -9.61
C VAL C 74 -4.69 15.12 -8.80
N ALA C 75 -5.20 16.15 -9.45
CA ALA C 75 -6.08 17.08 -8.75
C ALA C 75 -7.37 16.40 -8.28
N LEU C 76 -7.76 16.70 -7.04
CA LEU C 76 -9.05 16.29 -6.48
C LEU C 76 -10.12 17.34 -6.78
N THR C 77 -11.27 16.90 -7.28
CA THR C 77 -12.45 17.77 -7.36
C THR C 77 -13.51 17.26 -6.39
N ILE C 78 -14.07 18.17 -5.58
CA ILE C 78 -15.17 17.86 -4.69
C ILE C 78 -16.39 18.59 -5.23
N SER C 79 -17.43 17.84 -5.58
CA SER C 79 -18.63 18.44 -6.11
CA SER C 79 -18.64 18.42 -6.12
C SER C 79 -19.69 18.60 -5.02
N ALA C 80 -20.66 19.47 -5.30
CA ALA C 80 -21.83 19.71 -4.44
C ALA C 80 -21.39 19.94 -2.99
N LEU C 81 -20.59 21.00 -2.81
CA LEU C 81 -19.90 21.22 -1.55
C LEU C 81 -20.90 21.42 -0.41
N GLN C 82 -20.56 20.83 0.74
CA GLN C 82 -21.34 20.94 1.96
C GLN C 82 -20.51 21.67 3.01
N LEU C 83 -21.19 22.27 4.00
CA LEU C 83 -20.45 22.94 5.07
C LEU C 83 -19.53 21.97 5.81
N GLU C 84 -19.93 20.70 5.89
CA GLU C 84 -19.12 19.66 6.53
C GLU C 84 -17.83 19.33 5.78
N ASP C 85 -17.64 19.84 4.57
CA ASP C 85 -16.40 19.60 3.82
C ASP C 85 -15.25 20.48 4.26
N SER C 86 -15.49 21.50 5.08
CA SER C 86 -14.39 22.31 5.57
C SER C 86 -13.42 21.44 6.35
N ALA C 87 -12.17 21.48 5.96
CA ALA C 87 -11.15 20.60 6.54
C ALA C 87 -9.82 20.91 5.88
N LYS C 88 -8.73 20.28 6.33
CA LYS C 88 -7.45 20.42 5.63
C LYS C 88 -7.22 19.15 4.81
N TYR C 89 -7.01 19.32 3.51
CA TYR C 89 -6.95 18.20 2.56
C TYR C 89 -5.50 17.90 2.20
N PHE C 90 -5.13 16.61 2.20
CA PHE C 90 -3.77 16.15 1.97
C PHE C 90 -3.73 15.19 0.79
N CYS C 91 -2.74 15.39 -0.07
CA CYS C 91 -2.41 14.50 -1.17
C CYS C 91 -1.20 13.69 -0.74
N ALA C 92 -1.26 12.36 -0.89
CA ALA C 92 -0.18 11.50 -0.43
C ALA C 92 0.17 10.48 -1.50
N LEU C 93 1.47 10.32 -1.73
CA LEU C 93 2.00 9.37 -2.69
C LEU C 93 2.53 8.13 -1.97
N GLY C 94 2.06 6.95 -2.38
CA GLY C 94 2.59 5.67 -1.93
C GLY C 94 3.25 4.96 -3.09
N GLU C 95 4.56 4.76 -3.03
CA GLU C 95 5.33 4.15 -4.11
C GLU C 95 5.56 2.67 -3.87
N GLY C 96 5.37 1.89 -4.92
CA GLY C 96 5.76 0.50 -4.92
C GLY C 96 5.08 -0.33 -3.84
N GLY C 97 5.77 -1.37 -3.41
CA GLY C 97 5.18 -2.26 -2.42
C GLY C 97 5.19 -1.70 -1.01
N ALA C 98 6.16 -0.83 -0.68
CA ALA C 98 6.28 -0.39 0.72
C ALA C 98 5.19 0.61 1.07
N GLN C 99 4.74 1.40 0.10
CA GLN C 99 3.69 2.41 0.34
C GLN C 99 4.07 3.34 1.49
N LYS C 100 5.33 3.78 1.52
CA LYS C 100 5.75 4.71 2.58
C LYS C 100 5.28 6.09 2.15
N LEU C 101 4.19 6.58 2.74
CA LEU C 101 3.51 7.74 2.16
C LEU C 101 4.36 9.01 2.28
N VAL C 102 4.43 9.74 1.17
CA VAL C 102 5.00 11.06 1.08
C VAL C 102 3.84 12.05 0.97
N PHE C 103 3.73 12.98 1.92
CA PHE C 103 2.58 13.88 1.96
C PHE C 103 2.91 15.26 1.40
N GLY C 104 1.95 15.86 0.72
CA GLY C 104 1.98 17.30 0.54
C GLY C 104 1.75 18.01 1.86
N GLN C 105 1.92 19.34 1.85
CA GLN C 105 1.75 20.08 3.09
C GLN C 105 0.28 20.42 3.36
N GLY C 106 -0.61 20.08 2.46
CA GLY C 106 -2.04 20.22 2.67
C GLY C 106 -2.60 21.55 2.18
N THR C 107 -3.92 21.56 2.02
CA THR C 107 -4.67 22.76 1.64
C THR C 107 -5.86 22.92 2.57
N ARG C 108 -5.96 24.08 3.22
CA ARG C 108 -7.13 24.34 4.07
C ARG C 108 -8.30 24.75 3.19
N LEU C 109 -9.39 24.01 3.27
CA LEU C 109 -10.59 24.30 2.49
C LEU C 109 -11.67 24.83 3.42
N THR C 110 -12.18 26.03 3.14
CA THR C 110 -13.26 26.63 3.92
C THR C 110 -14.48 26.76 3.03
N ILE C 111 -15.57 26.10 3.41
CA ILE C 111 -16.83 26.17 2.67
C ILE C 111 -17.71 27.22 3.34
N ASN C 112 -18.15 28.19 2.53
CA ASN C 112 -18.81 29.39 3.04
C ASN C 112 -20.32 29.26 2.88
N PRO C 113 -21.08 29.59 3.91
CA PRO C 113 -22.54 29.54 3.78
C PRO C 113 -23.03 30.66 2.90
N ASN C 114 -24.21 30.46 2.34
CA ASN C 114 -24.89 31.49 1.55
C ASN C 114 -25.72 32.32 2.53
N ILE C 115 -25.18 33.46 2.95
CA ILE C 115 -25.83 34.31 3.94
C ILE C 115 -26.87 35.12 3.15
N GLN C 116 -28.15 34.73 3.26
CA GLN C 116 -29.19 35.34 2.45
C GLN C 116 -29.53 36.75 2.91
N ASN C 117 -29.51 36.98 4.23
CA ASN C 117 -29.95 38.25 4.83
C ASN C 117 -28.86 38.74 5.77
N PRO C 118 -27.78 39.29 5.22
CA PRO C 118 -26.67 39.73 6.07
C PRO C 118 -27.09 40.81 7.04
N ASP C 119 -26.57 40.72 8.25
CA ASP C 119 -26.93 41.66 9.31
C ASP C 119 -25.67 41.92 10.13
N PRO C 120 -24.59 42.38 9.50
CA PRO C 120 -23.30 42.52 10.21
C PRO C 120 -23.45 43.43 11.43
N ALA C 121 -22.89 42.97 12.55
CA ALA C 121 -23.01 43.69 13.80
C ALA C 121 -21.84 43.31 14.71
N VAL C 122 -21.44 44.24 15.58
CA VAL C 122 -20.45 43.96 16.63
C VAL C 122 -21.14 44.20 17.98
N TYR C 123 -21.24 43.14 18.79
CA TYR C 123 -21.93 43.18 20.07
C TYR C 123 -20.92 43.04 21.21
N GLN C 124 -21.15 43.75 22.30
CA GLN C 124 -20.37 43.54 23.51
C GLN C 124 -21.10 42.53 24.37
N LEU C 125 -20.43 41.44 24.71
CA LEU C 125 -21.13 40.44 25.51
C LEU C 125 -21.06 40.81 26.98
N ARG C 126 -21.89 40.14 27.79
CA ARG C 126 -21.92 40.45 29.22
C ARG C 126 -20.68 39.91 29.90
N ASP C 127 -20.08 40.74 30.74
CA ASP C 127 -18.90 40.33 31.51
C ASP C 127 -19.10 39.05 32.33
N SER C 128 -18.01 38.34 32.61
CA SER C 128 -18.05 37.24 33.57
C SER C 128 -17.52 37.73 34.91
N LYS C 129 -18.29 37.47 35.98
CA LYS C 129 -17.79 37.77 37.32
C LYS C 129 -16.52 37.00 37.64
N SER C 130 -16.23 35.95 36.88
CA SER C 130 -15.04 35.15 37.09
C SER C 130 -13.87 35.58 36.19
N SER C 131 -14.06 36.56 35.32
CA SER C 131 -13.05 36.95 34.34
C SER C 131 -12.88 38.48 34.31
N ASP C 132 -11.66 38.93 34.08
CA ASP C 132 -11.38 40.34 33.90
C ASP C 132 -11.43 40.77 32.43
N LYS C 133 -11.91 39.91 31.54
CA LYS C 133 -11.92 40.21 30.12
C LYS C 133 -13.24 40.82 29.69
N SER C 134 -13.17 41.69 28.69
CA SER C 134 -14.35 42.10 27.93
CA SER C 134 -14.34 42.11 27.93
C SER C 134 -14.33 41.36 26.60
N VAL C 135 -15.51 40.98 26.12
CA VAL C 135 -15.59 40.17 24.91
C VAL C 135 -16.51 40.83 23.88
N CYS C 136 -16.06 40.85 22.62
CA CYS C 136 -16.77 41.45 21.50
C CYS C 136 -17.05 40.38 20.45
N LEU C 137 -18.26 40.38 19.91
CA LEU C 137 -18.67 39.42 18.91
C LEU C 137 -19.03 40.12 17.61
N PHE C 138 -18.29 39.82 16.56
CA PHE C 138 -18.61 40.28 15.20
C PHE C 138 -19.37 39.15 14.51
N THR C 139 -20.61 39.40 14.07
CA THR C 139 -21.46 38.30 13.63
C THR C 139 -22.39 38.73 12.52
N ASP C 140 -22.88 37.73 11.78
CA ASP C 140 -23.99 37.86 10.84
C ASP C 140 -23.59 38.59 9.57
N PHE C 141 -22.28 38.67 9.33
CA PHE C 141 -21.78 39.27 8.10
C PHE C 141 -21.79 38.24 6.97
N ASP C 142 -21.76 38.77 5.74
CA ASP C 142 -21.74 37.94 4.55
C ASP C 142 -20.39 37.24 4.44
N SER C 143 -20.39 36.12 3.73
CA SER C 143 -19.19 35.30 3.71
C SER C 143 -18.02 35.95 2.96
N GLN C 144 -18.24 37.06 2.25
CA GLN C 144 -17.12 37.75 1.61
C GLN C 144 -16.24 38.51 2.60
N THR C 145 -16.71 38.73 3.81
CA THR C 145 -15.92 39.46 4.80
C THR C 145 -14.84 38.54 5.37
N ASN C 146 -13.61 39.05 5.42
CA ASN C 146 -12.49 38.37 6.05
C ASN C 146 -12.10 39.08 7.33
N VAL C 147 -11.76 38.30 8.36
CA VAL C 147 -11.39 38.82 9.67
C VAL C 147 -9.89 38.70 9.85
N SER C 148 -9.24 39.80 10.26
CA SER C 148 -7.81 39.88 10.42
C SER C 148 -7.42 39.94 11.90
N GLN C 149 -6.16 39.57 12.19
CA GLN C 149 -5.66 39.61 13.56
C GLN C 149 -5.49 41.05 14.02
N SER C 150 -5.39 41.22 15.34
CA SER C 150 -5.34 42.57 15.90
C SER C 150 -3.97 43.20 15.70
N LYS C 151 -3.97 44.53 15.54
CA LYS C 151 -2.72 45.29 15.52
C LYS C 151 -2.17 45.54 16.92
N ASP C 152 -2.89 45.14 17.96
CA ASP C 152 -2.49 45.34 19.33
C ASP C 152 -2.21 43.98 19.97
N SER C 153 -1.08 43.89 20.69
CA SER C 153 -0.62 42.60 21.20
C SER C 153 -1.39 42.12 22.42
N ASP C 154 -2.11 43.01 23.11
CA ASP C 154 -3.01 42.59 24.18
C ASP C 154 -4.47 42.53 23.74
N VAL C 155 -4.73 42.57 22.44
CA VAL C 155 -6.06 42.30 21.90
C VAL C 155 -5.98 41.04 21.05
N TYR C 156 -6.89 40.10 21.30
CA TYR C 156 -6.89 38.82 20.61
C TYR C 156 -8.13 38.72 19.76
N ILE C 157 -7.97 38.23 18.52
CA ILE C 157 -9.06 38.10 17.56
C ILE C 157 -8.97 36.73 16.90
N THR C 158 -10.08 35.98 16.92
CA THR C 158 -10.15 34.65 16.32
C THR C 158 -10.50 34.75 14.84
N ASP C 159 -10.25 33.66 14.11
CA ASP C 159 -10.73 33.55 12.73
C ASP C 159 -12.24 33.43 12.69
N LYS C 160 -12.80 33.66 11.51
CA LYS C 160 -14.24 33.51 11.39
C LYS C 160 -14.62 32.04 11.44
N CYS C 161 -15.78 31.79 12.04
N CYS C 161 -15.86 31.81 11.86
CA CYS C 161 -16.33 30.47 12.32
CA CYS C 161 -16.37 30.54 12.33
C CYS C 161 -17.75 30.46 11.79
C CYS C 161 -17.81 30.44 11.89
N VAL C 162 -18.21 29.31 11.27
CA VAL C 162 -19.58 29.16 10.78
C VAL C 162 -20.38 28.28 11.76
N LEU C 163 -21.50 28.78 12.26
CA LEU C 163 -22.39 27.92 13.03
C LEU C 163 -23.70 27.71 12.28
N ASP C 164 -24.37 26.60 12.61
CA ASP C 164 -25.58 26.17 11.92
C ASP C 164 -26.62 25.83 12.98
N MET C 165 -27.61 26.70 13.14
CA MET C 165 -28.72 26.47 14.06
C MET C 165 -29.72 25.55 13.38
N ARG C 166 -29.59 24.25 13.63
CA ARG C 166 -30.29 23.29 12.77
C ARG C 166 -31.79 23.39 12.95
N SER C 167 -32.27 23.76 14.13
CA SER C 167 -33.72 23.81 14.34
C SER C 167 -34.36 24.91 13.51
N MET C 168 -33.60 25.95 13.15
CA MET C 168 -34.11 27.09 12.40
C MET C 168 -33.60 27.13 10.97
N ASP C 169 -32.79 26.16 10.56
CA ASP C 169 -32.17 26.17 9.23
C ASP C 169 -31.45 27.50 9.00
N PHE C 170 -30.65 27.92 9.99
CA PHE C 170 -30.04 29.24 9.99
C PHE C 170 -28.54 29.13 10.20
N LYS C 171 -27.77 29.67 9.26
CA LYS C 171 -26.32 29.68 9.38
C LYS C 171 -25.82 31.10 9.62
N SER C 172 -24.73 31.23 10.37
CA SER C 172 -24.14 32.55 10.56
C SER C 172 -22.63 32.47 10.79
N ASN C 173 -21.93 33.51 10.33
CA ASN C 173 -20.50 33.70 10.51
C ASN C 173 -20.27 34.53 11.75
N SER C 174 -19.14 34.28 12.46
CA SER C 174 -18.77 35.19 13.53
C SER C 174 -17.26 35.12 13.77
N ALA C 175 -16.75 36.18 14.42
CA ALA C 175 -15.41 36.21 14.97
C ALA C 175 -15.49 36.87 16.35
N VAL C 176 -14.54 36.52 17.21
CA VAL C 176 -14.53 37.00 18.58
C VAL C 176 -13.26 37.82 18.83
N ALA C 177 -13.39 38.90 19.59
CA ALA C 177 -12.23 39.69 20.02
C ALA C 177 -12.30 39.92 21.54
N TRP C 178 -11.13 39.95 22.20
CA TRP C 178 -11.14 40.23 23.62
C TRP C 178 -9.83 40.87 24.07
N SER C 179 -9.88 41.46 25.26
CA SER C 179 -8.73 42.17 25.82
C SER C 179 -8.96 42.42 27.30
N ASN C 180 -7.83 42.49 28.02
CA ASN C 180 -7.73 42.96 29.40
C ASN C 180 -7.79 44.47 29.53
N LYS C 181 -7.46 45.19 28.46
CA LYS C 181 -7.16 46.61 28.56
C LYS C 181 -8.39 47.42 28.95
N SER C 182 -8.16 48.44 29.79
CA SER C 182 -9.24 49.31 30.23
C SER C 182 -9.77 50.18 29.09
N ASP C 183 -8.93 50.49 28.10
CA ASP C 183 -9.34 51.31 26.97
C ASP C 183 -9.84 50.47 25.79
N PHE C 184 -10.11 49.19 26.00
CA PHE C 184 -10.61 48.32 24.94
C PHE C 184 -12.09 48.58 24.72
N ALA C 185 -12.46 48.84 23.47
CA ALA C 185 -13.85 49.08 23.09
C ALA C 185 -14.18 48.21 21.88
N CYS C 186 -15.39 47.64 21.87
CA CYS C 186 -15.79 46.88 20.69
C CYS C 186 -15.84 47.75 19.45
N ALA C 187 -16.14 49.05 19.62
CA ALA C 187 -16.17 49.97 18.48
C ALA C 187 -14.85 50.01 17.73
N ASN C 188 -13.74 49.65 18.39
CA ASN C 188 -12.44 49.64 17.76
C ASN C 188 -11.82 48.25 17.67
N ALA C 189 -12.49 47.23 18.20
CA ALA C 189 -11.88 45.90 18.28
C ALA C 189 -11.45 45.39 16.91
N PHE C 190 -12.30 45.55 15.89
CA PHE C 190 -12.02 45.02 14.56
C PHE C 190 -11.51 46.08 13.59
N ASN C 191 -11.02 47.22 14.09
CA ASN C 191 -10.48 48.29 13.24
C ASN C 191 -9.41 47.78 12.27
N ASN C 192 -8.80 46.64 12.57
CA ASN C 192 -7.78 46.06 11.70
C ASN C 192 -8.37 45.37 10.49
N SER C 193 -9.67 45.06 10.49
CA SER C 193 -10.31 44.35 9.40
C SER C 193 -11.07 45.32 8.49
N ILE C 194 -11.27 44.88 7.25
CA ILE C 194 -12.19 45.51 6.30
C ILE C 194 -13.57 44.94 6.58
N ILE C 195 -14.39 45.70 7.31
CA ILE C 195 -15.71 45.22 7.72
C ILE C 195 -16.78 45.92 6.88
N PRO C 196 -18.00 45.40 6.83
CA PRO C 196 -19.03 46.03 5.98
C PRO C 196 -19.34 47.44 6.41
N GLU C 197 -19.65 48.29 5.43
CA GLU C 197 -19.99 49.68 5.72
C GLU C 197 -21.24 49.75 6.59
N ASP C 198 -22.11 48.76 6.49
CA ASP C 198 -23.37 48.78 7.22
C ASP C 198 -23.28 48.02 8.54
N THR C 199 -22.08 47.81 9.09
CA THR C 199 -22.00 47.08 10.34
C THR C 199 -22.67 47.86 11.46
N PHE C 200 -23.50 47.16 12.24
CA PHE C 200 -24.26 47.74 13.35
C PHE C 200 -23.40 47.73 14.62
N PHE C 201 -23.24 48.91 15.24
CA PHE C 201 -22.51 49.09 16.50
C PHE C 201 -23.46 49.66 17.55
N PRO C 202 -24.18 48.81 18.31
CA PRO C 202 -25.22 49.32 19.23
C PRO C 202 -24.67 50.15 20.40
N GLY D 1 -10.90 -0.87 14.06
CA GLY D 1 -10.02 0.05 13.36
C GLY D 1 -8.66 0.13 14.05
N VAL D 2 -8.03 1.30 14.00
CA VAL D 2 -6.73 1.54 14.61
C VAL D 2 -6.92 2.36 15.88
N THR D 3 -6.38 1.89 17.01
CA THR D 3 -6.45 2.61 18.26
C THR D 3 -5.05 3.04 18.68
N GLN D 4 -4.98 4.16 19.41
CA GLN D 4 -3.74 4.70 19.91
C GLN D 4 -3.94 5.23 21.32
N THR D 5 -2.93 5.05 22.16
CA THR D 5 -2.92 5.70 23.46
C THR D 5 -1.49 6.17 23.75
N PRO D 6 -1.33 7.29 24.47
CA PRO D 6 -2.36 8.24 24.90
C PRO D 6 -2.72 9.18 23.75
N LYS D 7 -3.90 9.80 23.77
CA LYS D 7 -4.24 10.76 22.73
C LYS D 7 -3.50 12.08 22.90
N PHE D 8 -3.10 12.42 24.14
CA PHE D 8 -2.42 13.67 24.46
C PHE D 8 -1.29 13.37 25.43
N GLN D 9 -0.15 14.04 25.29
CA GLN D 9 0.95 13.83 26.22
C GLN D 9 1.83 15.06 26.29
N VAL D 10 2.22 15.47 27.50
CA VAL D 10 3.27 16.45 27.68
C VAL D 10 4.45 15.77 28.35
N LEU D 11 5.65 16.10 27.89
CA LEU D 11 6.88 15.57 28.48
C LEU D 11 7.85 16.71 28.76
N LYS D 12 8.68 16.51 29.78
CA LYS D 12 9.84 17.37 29.97
C LYS D 12 10.97 16.86 29.09
N THR D 13 11.81 17.80 28.61
CA THR D 13 13.01 17.39 27.88
C THR D 13 13.77 16.34 28.66
N GLY D 14 14.17 15.26 27.97
CA GLY D 14 14.90 14.18 28.58
C GLY D 14 14.05 13.04 29.08
N GLN D 15 12.74 13.23 29.19
CA GLN D 15 11.83 12.16 29.59
C GLN D 15 11.63 11.16 28.46
N SER D 16 11.38 9.90 28.81
CA SER D 16 11.04 8.88 27.81
C SER D 16 9.56 8.52 27.90
N MET D 17 9.00 8.07 26.77
CA MET D 17 7.57 7.79 26.72
C MET D 17 7.32 6.76 25.63
N THR D 18 6.46 5.76 25.91
CA THR D 18 6.10 4.79 24.89
C THR D 18 4.68 5.08 24.38
N LEU D 19 4.55 5.27 23.08
CA LEU D 19 3.26 5.41 22.44
CA LEU D 19 3.25 5.43 22.44
C LEU D 19 2.77 4.05 21.97
N GLN D 20 1.49 3.74 22.20
CA GLN D 20 0.93 2.44 21.87
C GLN D 20 -0.07 2.53 20.70
N CYS D 21 -0.06 1.50 19.84
CA CYS D 21 -0.95 1.42 18.68
C CYS D 21 -1.46 -0.02 18.56
N ALA D 22 -2.71 -0.19 18.15
CA ALA D 22 -3.21 -1.54 17.90
C ALA D 22 -4.21 -1.48 16.77
N GLN D 23 -4.29 -2.56 15.99
CA GLN D 23 -5.31 -2.62 14.93
C GLN D 23 -5.89 -4.01 14.96
N ASP D 24 -7.20 -4.10 14.71
CA ASP D 24 -7.95 -5.35 14.80
C ASP D 24 -8.45 -5.80 13.44
N MET D 25 -7.81 -5.34 12.36
CA MET D 25 -8.29 -5.59 11.00
C MET D 25 -7.59 -6.75 10.31
N ASN D 26 -6.77 -7.50 11.03
CA ASN D 26 -5.96 -8.60 10.52
C ASN D 26 -4.88 -8.11 9.56
N HIS D 27 -4.50 -6.83 9.66
CA HIS D 27 -3.44 -6.29 8.80
C HIS D 27 -2.08 -6.79 9.24
N ASN D 28 -1.15 -6.86 8.27
CA ASN D 28 0.26 -7.03 8.59
C ASN D 28 1.03 -5.71 8.52
N SER D 29 0.82 -4.93 7.45
CA SER D 29 1.56 -3.67 7.24
C SER D 29 1.09 -2.60 8.22
N MET D 30 2.01 -2.09 9.05
CA MET D 30 1.70 -1.01 9.97
C MET D 30 2.81 0.05 9.89
N TYR D 31 2.45 1.27 10.28
CA TYR D 31 3.31 2.44 10.04
C TYR D 31 3.26 3.37 11.24
N TRP D 32 4.38 4.06 11.52
CA TRP D 32 4.40 5.23 12.38
C TRP D 32 4.79 6.45 11.55
N TYR D 33 4.01 7.53 11.70
CA TYR D 33 4.27 8.81 11.06
C TYR D 33 4.24 9.91 12.11
N ARG D 34 4.84 11.07 11.78
CA ARG D 34 4.68 12.24 12.61
C ARG D 34 4.29 13.44 11.75
N GLN D 35 3.51 14.33 12.35
CA GLN D 35 3.03 15.54 11.68
C GLN D 35 3.34 16.75 12.55
N ASP D 36 4.26 17.59 12.08
CA ASP D 36 4.54 18.88 12.70
C ASP D 36 3.48 19.91 12.33
N PRO D 37 3.36 20.96 13.14
CA PRO D 37 2.33 21.98 12.88
C PRO D 37 2.44 22.56 11.48
N GLY D 38 1.32 22.57 10.77
CA GLY D 38 1.23 23.15 9.45
C GLY D 38 1.76 22.27 8.33
N MET D 39 2.27 21.08 8.62
CA MET D 39 2.95 20.22 7.64
C MET D 39 2.14 18.98 7.34
N GLY D 40 2.64 18.16 6.39
CA GLY D 40 2.12 16.83 6.16
C GLY D 40 2.76 15.82 7.11
N LEU D 41 2.39 14.55 6.93
CA LEU D 41 2.93 13.45 7.73
C LEU D 41 4.23 12.94 7.12
N ARG D 42 5.19 12.58 7.98
CA ARG D 42 6.46 12.04 7.53
C ARG D 42 6.67 10.69 8.19
N LEU D 43 7.13 9.72 7.41
CA LEU D 43 7.27 8.36 7.92
C LEU D 43 8.37 8.28 8.96
N ILE D 44 8.09 7.56 10.05
CA ILE D 44 9.11 7.18 11.03
C ILE D 44 9.59 5.76 10.81
N TYR D 45 8.65 4.81 10.69
CA TYR D 45 9.04 3.42 10.47
C TYR D 45 7.86 2.63 9.88
N TYR D 46 8.16 1.79 8.90
CA TYR D 46 7.18 0.86 8.32
C TYR D 46 7.50 -0.56 8.78
N SER D 47 6.53 -1.19 9.44
CA SER D 47 6.65 -2.58 9.91
C SER D 47 5.76 -3.45 9.03
N ALA D 48 6.37 -4.21 8.12
CA ALA D 48 5.59 -5.01 7.17
C ALA D 48 4.92 -6.21 7.83
N SER D 49 5.35 -6.59 9.03
CA SER D 49 4.82 -7.76 9.71
C SER D 49 5.49 -7.87 11.07
N GLU D 50 5.09 -8.87 11.86
CA GLU D 50 5.86 -9.19 13.05
C GLU D 50 7.31 -9.49 12.68
N GLY D 51 8.22 -9.20 13.60
CA GLY D 51 9.62 -9.47 13.36
C GLY D 51 10.50 -8.45 14.06
N THR D 52 11.80 -8.56 13.78
CA THR D 52 12.80 -7.75 14.46
C THR D 52 12.91 -6.39 13.79
N THR D 53 12.94 -5.33 14.60
CA THR D 53 13.10 -3.97 14.09
C THR D 53 14.43 -3.80 13.39
N ASP D 54 14.42 -3.17 12.20
CA ASP D 54 15.65 -2.78 11.53
C ASP D 54 16.11 -1.44 12.11
N LYS D 55 17.03 -1.48 13.08
CA LYS D 55 17.43 -0.27 13.78
C LYS D 55 18.08 0.76 12.87
N GLY D 56 18.70 0.31 11.77
CA GLY D 56 19.29 1.25 10.83
C GLY D 56 18.27 2.12 10.12
N GLU D 57 16.99 1.75 10.18
CA GLU D 57 15.91 2.52 9.60
C GLU D 57 15.10 3.29 10.64
N VAL D 58 15.49 3.27 11.90
CA VAL D 58 14.80 4.03 12.94
C VAL D 58 15.51 5.36 13.12
N PRO D 59 14.80 6.50 13.00
CA PRO D 59 15.46 7.79 13.19
C PRO D 59 15.97 7.95 14.61
N ASN D 60 17.03 8.75 14.74
CA ASN D 60 17.59 9.02 16.05
CA ASN D 60 17.60 9.03 16.05
C ASN D 60 16.52 9.56 16.99
N GLY D 61 16.57 9.14 18.24
CA GLY D 61 15.63 9.57 19.25
C GLY D 61 14.43 8.66 19.46
N TYR D 62 14.29 7.58 18.69
CA TYR D 62 13.13 6.71 18.78
C TYR D 62 13.55 5.25 18.92
N ASN D 63 12.69 4.47 19.57
CA ASN D 63 12.79 3.01 19.55
C ASN D 63 11.47 2.47 19.03
N VAL D 64 11.53 1.48 18.14
CA VAL D 64 10.31 0.93 17.54
C VAL D 64 10.23 -0.56 17.83
N SER D 65 9.03 -1.04 18.15
CA SER D 65 8.82 -2.45 18.45
C SER D 65 7.47 -2.92 17.91
N ARG D 66 7.51 -3.94 17.07
CA ARG D 66 6.29 -4.62 16.66
C ARG D 66 6.05 -5.75 17.65
N LEU D 67 5.05 -5.60 18.53
CA LEU D 67 4.91 -6.51 19.66
C LEU D 67 4.26 -7.82 19.26
N ASN D 68 3.30 -7.77 18.34
CA ASN D 68 2.57 -8.93 17.84
C ASN D 68 1.84 -8.43 16.60
N LYS D 69 0.91 -9.23 16.04
CA LYS D 69 0.27 -8.82 14.79
C LYS D 69 -0.52 -7.52 14.97
N ARG D 70 -1.16 -7.35 16.13
CA ARG D 70 -2.02 -6.20 16.35
C ARG D 70 -1.28 -4.98 16.85
N GLU D 71 -0.23 -5.17 17.67
CA GLU D 71 0.30 -4.10 18.50
C GLU D 71 1.68 -3.63 18.05
N PHE D 72 1.87 -2.32 18.12
CA PHE D 72 3.00 -1.66 17.49
C PHE D 72 3.33 -0.47 18.39
N SER D 73 4.56 -0.35 18.84
CA SER D 73 4.86 0.72 19.78
CA SER D 73 4.90 0.69 19.80
C SER D 73 6.00 1.59 19.26
N LEU D 74 5.92 2.87 19.62
CA LEU D 74 6.96 3.85 19.28
C LEU D 74 7.37 4.51 20.59
N ARG D 75 8.65 4.45 20.93
CA ARG D 75 9.12 5.07 22.15
C ARG D 75 10.01 6.27 21.81
N LEU D 76 9.79 7.39 22.51
CA LEU D 76 10.73 8.50 22.50
C LEU D 76 11.72 8.25 23.64
N GLU D 77 12.99 8.03 23.29
CA GLU D 77 13.90 7.58 24.34
C GLU D 77 14.31 8.70 25.29
N SER D 78 14.56 9.90 24.77
CA SER D 78 14.98 11.03 25.62
C SER D 78 14.44 12.28 24.93
N ALA D 79 13.22 12.67 25.31
CA ALA D 79 12.45 13.58 24.47
C ALA D 79 13.14 14.92 24.31
N ALA D 80 13.10 15.45 23.07
CA ALA D 80 13.63 16.78 22.79
C ALA D 80 12.50 17.67 22.26
N PRO D 81 12.60 18.98 22.47
CA PRO D 81 11.58 19.89 21.90
C PRO D 81 11.33 19.69 20.42
N SER D 82 12.35 19.33 19.64
CA SER D 82 12.14 19.11 18.21
C SER D 82 11.19 17.95 17.94
N GLN D 83 10.93 17.09 18.93
CA GLN D 83 10.04 15.95 18.77
C GLN D 83 8.58 16.27 19.09
N THR D 84 8.28 17.52 19.44
CA THR D 84 6.89 17.95 19.53
C THR D 84 6.20 17.74 18.19
N SER D 85 5.10 16.97 18.20
CA SER D 85 4.51 16.54 16.93
C SER D 85 3.25 15.76 17.24
N VAL D 86 2.43 15.52 16.21
CA VAL D 86 1.34 14.55 16.31
C VAL D 86 1.84 13.23 15.72
N TYR D 87 1.82 12.18 16.52
CA TYR D 87 2.34 10.87 16.11
C TYR D 87 1.16 9.99 15.71
N PHE D 88 1.14 9.57 14.45
CA PHE D 88 0.06 8.74 13.92
C PHE D 88 0.56 7.33 13.64
N CYS D 89 -0.21 6.34 14.04
CA CYS D 89 -0.06 4.97 13.59
CA CYS D 89 0.05 5.03 13.48
C CYS D 89 -1.05 4.72 12.46
N ALA D 90 -0.70 3.82 11.54
CA ALA D 90 -1.61 3.48 10.45
C ALA D 90 -1.44 2.01 10.12
N SER D 91 -2.44 1.43 9.48
CA SER D 91 -2.24 0.06 8.98
C SER D 91 -3.02 -0.08 7.69
N ARG D 92 -2.68 -1.12 6.94
CA ARG D 92 -3.39 -1.32 5.67
C ARG D 92 -3.35 -2.80 5.32
N THR D 93 -4.26 -3.18 4.43
CA THR D 93 -4.17 -4.51 3.87
C THR D 93 -3.17 -4.49 2.72
N ARG D 94 -2.67 -5.67 2.37
CA ARG D 94 -1.86 -5.84 1.17
C ARG D 94 -2.62 -6.71 0.18
N GLY D 95 -2.52 -6.37 -1.09
CA GLY D 95 -3.24 -7.12 -2.12
C GLY D 95 -4.58 -6.48 -2.43
N GLY D 96 -4.99 -6.59 -3.69
CA GLY D 96 -6.21 -5.93 -4.13
C GLY D 96 -5.98 -4.43 -4.26
N THR D 97 -7.08 -3.69 -4.42
CA THR D 97 -6.95 -2.26 -4.64
C THR D 97 -7.18 -1.41 -3.39
N LEU D 98 -7.74 -2.01 -2.32
CA LEU D 98 -8.20 -1.22 -1.18
C LEU D 98 -7.07 -1.09 -0.14
N ILE D 99 -5.95 -0.55 -0.61
CA ILE D 99 -4.70 -0.53 0.16
C ILE D 99 -4.45 0.79 0.87
N GLU D 100 -5.46 1.67 0.94
CA GLU D 100 -5.28 2.93 1.64
C GLU D 100 -4.99 2.68 3.12
N GLN D 101 -4.19 3.55 3.71
CA GLN D 101 -3.84 3.37 5.11
C GLN D 101 -4.92 3.94 6.03
N TYR D 102 -5.28 3.15 7.05
CA TYR D 102 -6.22 3.56 8.09
C TYR D 102 -5.42 4.18 9.22
N PHE D 103 -5.75 5.41 9.62
CA PHE D 103 -4.99 6.09 10.67
C PHE D 103 -5.66 5.95 12.03
N GLY D 104 -4.83 5.79 13.08
CA GLY D 104 -5.30 5.96 14.42
C GLY D 104 -5.58 7.42 14.72
N PRO D 105 -6.09 7.69 15.92
CA PRO D 105 -6.48 9.06 16.27
C PRO D 105 -5.30 9.96 16.62
N GLY D 106 -4.09 9.41 16.68
CA GLY D 106 -2.93 10.24 16.93
C GLY D 106 -2.62 10.42 18.40
N THR D 107 -1.35 10.67 18.67
CA THR D 107 -0.87 11.13 19.98
C THR D 107 -0.33 12.53 19.78
N ARG D 108 -1.00 13.51 20.39
CA ARG D 108 -0.54 14.90 20.36
C ARG D 108 0.49 15.06 21.46
N LEU D 109 1.76 15.17 21.09
CA LEU D 109 2.86 15.12 22.05
C LEU D 109 3.57 16.46 22.04
N THR D 110 3.70 17.11 23.21
CA THR D 110 4.45 18.37 23.32
C THR D 110 5.58 18.16 24.31
N VAL D 111 6.80 18.52 23.93
CA VAL D 111 7.98 18.44 24.79
C VAL D 111 8.36 19.86 25.19
N THR D 112 8.43 20.12 26.49
CA THR D 112 8.82 21.44 26.98
C THR D 112 10.07 21.36 27.84
N GLU D 113 10.86 22.44 27.87
CA GLU D 113 12.11 22.42 28.64
C GLU D 113 11.87 22.38 30.14
N ASP D 114 10.68 22.77 30.59
CA ASP D 114 10.43 22.95 32.01
C ASP D 114 8.93 22.82 32.25
N LEU D 115 8.54 21.90 33.15
CA LEU D 115 7.13 21.69 33.40
C LEU D 115 6.46 22.90 34.05
N LYS D 116 7.24 23.89 34.50
CA LYS D 116 6.60 25.10 35.01
C LYS D 116 5.96 25.92 33.90
N ASN D 117 6.14 25.52 32.63
CA ASN D 117 5.41 26.12 31.52
C ASN D 117 3.99 25.58 31.38
N VAL D 118 3.62 24.55 32.14
CA VAL D 118 2.34 23.88 31.94
C VAL D 118 1.27 24.56 32.77
N PHE D 119 0.15 24.93 32.12
CA PHE D 119 -0.97 25.65 32.78
C PHE D 119 -2.30 25.12 32.26
N PRO D 120 -3.25 24.86 33.14
CA PRO D 120 -4.61 24.55 32.68
C PRO D 120 -5.29 25.81 32.16
N PRO D 121 -6.35 25.67 31.38
CA PRO D 121 -7.07 26.86 30.92
C PRO D 121 -7.84 27.52 32.05
N GLU D 122 -7.99 28.84 31.94
CA GLU D 122 -9.07 29.54 32.61
C GLU D 122 -10.24 29.60 31.63
N VAL D 123 -11.44 29.31 32.13
CA VAL D 123 -12.61 29.17 31.27
C VAL D 123 -13.68 30.13 31.79
N ALA D 124 -14.26 30.91 30.88
CA ALA D 124 -15.35 31.81 31.25
C ALA D 124 -16.36 31.83 30.12
N VAL D 125 -17.63 32.02 30.49
CA VAL D 125 -18.74 32.13 29.55
C VAL D 125 -19.20 33.57 29.59
N PHE D 126 -19.36 34.17 28.41
CA PHE D 126 -19.82 35.53 28.24
C PHE D 126 -21.23 35.48 27.67
N GLU D 127 -22.17 36.15 28.35
CA GLU D 127 -23.59 35.98 28.06
C GLU D 127 -24.04 36.87 26.92
N PRO D 128 -25.14 36.49 26.26
CA PRO D 128 -25.61 37.25 25.08
C PRO D 128 -25.89 38.71 25.39
N SER D 129 -25.60 39.54 24.39
CA SER D 129 -25.92 40.95 24.44
C SER D 129 -27.42 41.19 24.29
N GLU D 130 -27.96 42.12 25.09
CA GLU D 130 -29.35 42.53 24.91
C GLU D 130 -29.58 43.08 23.51
N ALA D 131 -28.56 43.76 22.96
CA ALA D 131 -28.70 44.34 21.63
C ALA D 131 -28.85 43.27 20.57
N GLU D 132 -28.10 42.17 20.69
CA GLU D 132 -28.26 41.07 19.74
C GLU D 132 -29.66 40.49 19.83
N ILE D 133 -30.15 40.26 21.05
CA ILE D 133 -31.48 39.69 21.23
C ILE D 133 -32.56 40.56 20.59
N SER D 134 -32.48 41.87 20.80
CA SER D 134 -33.53 42.70 20.22
C SER D 134 -33.33 42.91 18.71
N HIS D 135 -32.09 42.83 18.21
CA HIS D 135 -31.86 43.01 16.78
C HIS D 135 -32.19 41.74 15.96
N THR D 136 -31.98 40.55 16.53
CA THR D 136 -32.07 39.31 15.76
C THR D 136 -33.01 38.27 16.33
N GLN D 137 -33.46 38.41 17.59
CA GLN D 137 -34.25 37.37 18.29
C GLN D 137 -33.45 36.07 18.41
N LYS D 138 -32.14 36.20 18.40
CA LYS D 138 -31.20 35.12 18.68
C LYS D 138 -30.22 35.58 19.75
N ALA D 139 -29.52 34.62 20.34
CA ALA D 139 -28.70 34.87 21.52
C ALA D 139 -27.44 34.02 21.44
N THR D 140 -26.27 34.67 21.33
CA THR D 140 -25.00 33.95 21.22
C THR D 140 -24.25 34.02 22.55
N LEU D 141 -23.94 32.84 23.08
CA LEU D 141 -23.03 32.71 24.22
C LEU D 141 -21.63 32.47 23.67
N VAL D 142 -20.61 33.04 24.33
CA VAL D 142 -19.22 32.78 23.95
C VAL D 142 -18.49 32.17 25.14
N CYS D 143 -17.77 31.09 24.89
CA CYS D 143 -16.86 30.48 25.85
C CYS D 143 -15.43 30.79 25.43
N LEU D 144 -14.63 31.28 26.37
CA LEU D 144 -13.22 31.54 26.13
C LEU D 144 -12.42 30.66 27.08
N ALA D 145 -11.52 29.87 26.52
CA ALA D 145 -10.52 29.14 27.30
C ALA D 145 -9.16 29.77 27.02
N THR D 146 -8.49 30.29 28.05
CA THR D 146 -7.29 31.09 27.85
C THR D 146 -6.14 30.60 28.73
N GLY D 147 -4.93 30.90 28.28
CA GLY D 147 -3.73 30.71 29.07
C GLY D 147 -3.33 29.27 29.30
N PHE D 148 -3.70 28.35 28.40
CA PHE D 148 -3.36 26.96 28.63
C PHE D 148 -2.11 26.57 27.86
N TYR D 149 -1.36 25.62 28.43
CA TYR D 149 -0.20 25.07 27.77
C TYR D 149 0.00 23.68 28.35
N PRO D 150 0.22 22.65 27.52
CA PRO D 150 0.27 22.66 26.05
C PRO D 150 -1.12 22.86 25.44
N ASP D 151 -1.23 22.91 24.11
CA ASP D 151 -2.52 23.14 23.47
C ASP D 151 -3.36 21.87 23.42
N HIS D 152 -3.58 21.22 24.57
CA HIS D 152 -4.18 19.90 24.64
C HIS D 152 -5.50 20.02 25.38
N VAL D 153 -6.54 20.43 24.64
CA VAL D 153 -7.84 20.68 25.24
C VAL D 153 -8.90 20.10 24.32
N GLU D 154 -10.04 19.76 24.91
CA GLU D 154 -11.26 19.39 24.20
C GLU D 154 -12.41 20.19 24.79
N LEU D 155 -13.05 21.01 23.97
CA LEU D 155 -14.12 21.88 24.44
C LEU D 155 -15.49 21.33 24.01
N SER D 156 -16.45 21.31 24.93
CA SER D 156 -17.81 20.89 24.61
C SER D 156 -18.81 21.82 25.28
N TRP D 157 -20.00 21.90 24.68
CA TRP D 157 -21.14 22.60 25.26
C TRP D 157 -22.18 21.60 25.70
N TRP D 158 -22.76 21.84 26.89
CA TRP D 158 -23.80 21.02 27.47
C TRP D 158 -24.98 21.91 27.77
N VAL D 159 -26.16 21.49 27.33
CA VAL D 159 -27.39 22.24 27.58
C VAL D 159 -28.45 21.25 28.05
N ASN D 160 -29.05 21.54 29.20
CA ASN D 160 -30.18 20.75 29.70
C ASN D 160 -29.95 19.24 29.54
N GLY D 161 -28.80 18.76 30.03
CA GLY D 161 -28.58 17.33 30.10
C GLY D 161 -28.00 16.67 28.85
N LYS D 162 -27.51 17.44 27.89
CA LYS D 162 -27.02 16.83 26.65
C LYS D 162 -25.84 17.64 26.13
N GLU D 163 -24.83 16.93 25.62
CA GLU D 163 -23.77 17.61 24.89
C GLU D 163 -24.31 17.99 23.51
N VAL D 164 -24.29 19.29 23.16
CA VAL D 164 -24.95 19.77 21.96
C VAL D 164 -23.94 20.14 20.88
N HIS D 165 -24.41 20.09 19.63
CA HIS D 165 -23.58 20.43 18.50
C HIS D 165 -24.28 21.47 17.64
N SER D 166 -25.61 21.44 17.61
CA SER D 166 -26.33 22.41 16.79
C SER D 166 -26.12 23.81 17.35
N GLY D 167 -25.91 24.77 16.46
CA GLY D 167 -25.69 26.13 16.89
C GLY D 167 -24.32 26.41 17.47
N VAL D 168 -23.37 25.48 17.37
CA VAL D 168 -22.06 25.63 17.98
C VAL D 168 -21.01 25.84 16.89
N CYS D 169 -20.04 26.71 17.19
N CYS D 169 -20.01 26.66 17.19
CA CYS D 169 -18.81 26.75 16.40
CA CYS D 169 -18.82 26.56 16.36
C CYS D 169 -17.64 26.95 17.34
C CYS D 169 -17.61 27.00 17.17
N THR D 170 -16.64 26.08 17.24
CA THR D 170 -15.42 26.23 18.00
C THR D 170 -14.28 26.49 17.03
N ASP D 171 -13.36 27.38 17.40
CA ASP D 171 -12.23 27.67 16.54
C ASP D 171 -11.55 26.36 16.16
N PRO D 172 -11.21 26.16 14.89
CA PRO D 172 -10.56 24.90 14.49
C PRO D 172 -9.14 24.78 14.99
N GLN D 173 -8.51 25.90 15.36
CA GLN D 173 -7.15 25.94 15.89
C GLN D 173 -7.10 26.91 17.06
N PRO D 174 -6.39 26.55 18.11
CA PRO D 174 -6.12 27.53 19.17
C PRO D 174 -5.19 28.61 18.64
N LEU D 175 -5.21 29.76 19.31
CA LEU D 175 -4.29 30.83 18.95
C LEU D 175 -3.21 30.97 20.01
N LYS D 176 -1.99 31.24 19.56
CA LYS D 176 -0.88 31.50 20.47
C LYS D 176 -1.04 32.88 21.08
N GLU D 177 -1.05 32.96 22.41
CA GLU D 177 -1.21 34.26 23.06
C GLU D 177 0.02 35.13 22.90
N GLN D 178 1.20 34.53 22.76
CA GLN D 178 2.45 35.26 22.56
C GLN D 178 3.21 34.60 21.42
N PRO D 179 2.89 34.97 20.17
CA PRO D 179 3.39 34.19 19.02
C PRO D 179 4.89 34.11 18.92
N ALA D 180 5.64 34.99 19.60
CA ALA D 180 7.09 34.99 19.50
C ALA D 180 7.77 33.94 20.38
N LEU D 181 7.02 33.19 21.18
CA LEU D 181 7.60 32.27 22.16
C LEU D 181 7.26 30.82 21.85
N ASN D 182 8.26 29.93 22.02
CA ASN D 182 8.07 28.51 21.73
C ASN D 182 7.13 27.84 22.72
N ASP D 183 7.18 28.23 24.00
CA ASP D 183 6.25 27.70 25.00
C ASP D 183 5.11 28.67 25.30
N SER D 184 4.74 29.50 24.33
CA SER D 184 3.58 30.38 24.48
C SER D 184 2.35 29.62 24.95
N ARG D 185 1.56 30.26 25.81
CA ARG D 185 0.27 29.68 26.17
C ARG D 185 -0.73 29.96 25.06
N TYR D 186 -1.87 29.27 25.12
CA TYR D 186 -2.85 29.29 24.04
C TYR D 186 -4.21 29.75 24.50
N CYS D 187 -5.02 30.18 23.53
CA CYS D 187 -6.42 30.44 23.76
C CYS D 187 -7.28 29.76 22.71
N LEU D 188 -8.57 29.60 23.05
CA LEU D 188 -9.56 28.95 22.19
C LEU D 188 -10.92 29.55 22.52
N SER D 189 -11.70 29.90 21.48
CA SER D 189 -13.06 30.39 21.71
C SER D 189 -14.09 29.50 21.03
N SER D 190 -15.32 29.57 21.54
CA SER D 190 -16.42 28.80 21.01
C SER D 190 -17.68 29.62 21.19
N ARG D 191 -18.64 29.43 20.30
CA ARG D 191 -19.91 30.13 20.30
C ARG D 191 -21.01 29.08 20.38
N LEU D 192 -22.06 29.37 21.13
CA LEU D 192 -23.30 28.61 21.07
C LEU D 192 -24.45 29.60 20.88
N ARG D 193 -25.21 29.44 19.81
CA ARG D 193 -26.28 30.38 19.50
C ARG D 193 -27.61 29.67 19.62
N VAL D 194 -28.55 30.29 20.36
CA VAL D 194 -29.87 29.74 20.60
C VAL D 194 -30.91 30.83 20.29
N SER D 195 -32.17 30.45 20.28
CA SER D 195 -33.21 31.45 20.09
C SER D 195 -33.27 32.36 21.31
N ALA D 196 -33.75 33.60 21.10
CA ALA D 196 -33.90 34.50 22.24
C ALA D 196 -34.81 33.90 23.30
N THR D 197 -35.92 33.25 22.89
CA THR D 197 -36.84 32.71 23.87
C THR D 197 -36.20 31.61 24.70
N PHE D 198 -35.29 30.82 24.11
CA PHE D 198 -34.63 29.78 24.89
C PHE D 198 -33.66 30.39 25.89
N TRP D 199 -32.88 31.38 25.47
CA TRP D 199 -31.95 32.04 26.38
C TRP D 199 -32.68 32.77 27.52
N GLN D 200 -33.85 33.32 27.25
CA GLN D 200 -34.54 34.16 28.23
C GLN D 200 -35.24 33.39 29.33
N ASN D 201 -35.15 32.05 29.33
CA ASN D 201 -35.80 31.24 30.32
C ASN D 201 -34.80 30.86 31.41
N PRO D 202 -34.97 31.32 32.65
CA PRO D 202 -33.98 31.06 33.70
C PRO D 202 -33.92 29.61 34.15
N ARG D 203 -34.79 28.75 33.61
CA ARG D 203 -34.76 27.32 33.89
CA ARG D 203 -34.73 27.33 33.91
C ARG D 203 -33.77 26.57 32.99
N ASN D 204 -33.26 27.24 31.96
CA ASN D 204 -32.33 26.61 31.02
C ASN D 204 -30.88 26.81 31.46
N HIS D 205 -30.08 25.75 31.30
CA HIS D 205 -28.75 25.62 31.88
C HIS D 205 -27.77 25.35 30.73
N PHE D 206 -26.75 26.21 30.61
CA PHE D 206 -25.72 26.14 29.56
C PHE D 206 -24.36 25.98 30.21
N ARG D 207 -23.56 25.02 29.74
CA ARG D 207 -22.24 24.83 30.32
C ARG D 207 -21.20 24.65 29.23
N CYS D 208 -20.09 25.38 29.32
CA CYS D 208 -18.91 25.12 28.50
CA CYS D 208 -18.95 25.04 28.47
C CYS D 208 -17.90 24.35 29.32
N GLN D 209 -17.44 23.22 28.82
CA GLN D 209 -16.62 22.27 29.55
C GLN D 209 -15.36 22.07 28.73
N VAL D 210 -14.21 22.23 29.36
CA VAL D 210 -12.92 22.09 28.66
C VAL D 210 -12.11 21.01 29.38
N GLN D 211 -11.92 19.87 28.72
CA GLN D 211 -11.02 18.85 29.24
C GLN D 211 -9.60 19.27 28.89
N PHE D 212 -8.75 19.41 29.90
CA PHE D 212 -7.34 19.75 29.72
C PHE D 212 -6.49 18.54 30.00
N TYR D 213 -5.42 18.35 29.24
CA TYR D 213 -4.48 17.27 29.50
C TYR D 213 -3.14 17.87 29.94
N GLY D 214 -2.70 17.51 31.15
CA GLY D 214 -1.47 18.05 31.70
C GLY D 214 -0.67 17.00 32.47
N LEU D 215 -0.36 17.30 33.73
CA LEU D 215 0.43 16.37 34.52
C LEU D 215 -0.47 15.29 35.12
N SER D 216 0.16 14.23 35.59
CA SER D 216 -0.54 13.22 36.39
C SER D 216 -0.47 13.58 37.86
N GLU D 217 -1.45 13.09 38.62
CA GLU D 217 -1.45 13.33 40.07
C GLU D 217 -0.22 12.74 40.75
N ASN D 218 0.43 11.75 40.12
CA ASN D 218 1.61 11.14 40.69
C ASN D 218 2.89 11.92 40.43
N ASP D 219 2.84 12.96 39.59
CA ASP D 219 4.04 13.66 39.16
C ASP D 219 4.60 14.57 40.26
N GLU D 220 5.93 14.67 40.30
CA GLU D 220 6.60 15.63 41.16
C GLU D 220 6.30 17.07 40.72
N TRP D 221 6.10 17.94 41.70
CA TRP D 221 5.79 19.34 41.41
C TRP D 221 6.31 20.19 42.57
N THR D 222 7.29 21.04 42.28
CA THR D 222 7.93 21.87 43.29
C THR D 222 7.65 23.36 43.12
N GLN D 223 6.68 23.73 42.27
CA GLN D 223 6.28 25.13 42.20
C GLN D 223 5.23 25.40 43.28
N ASP D 224 5.11 26.69 43.64
CA ASP D 224 4.16 27.08 44.69
C ASP D 224 2.71 26.93 44.22
N ARG D 225 2.45 27.23 42.95
CA ARG D 225 1.08 27.14 42.47
C ARG D 225 0.63 25.68 42.37
N ALA D 226 -0.69 25.50 42.27
CA ALA D 226 -1.25 24.16 42.24
C ALA D 226 -0.73 23.36 41.05
N LYS D 227 -0.47 22.07 41.27
CA LYS D 227 -0.01 21.18 40.20
C LYS D 227 -0.99 21.20 39.01
N PRO D 228 -0.52 21.51 37.80
CA PRO D 228 -1.41 21.61 36.60
C PRO D 228 -1.75 20.25 36.01
N VAL D 229 -2.56 19.50 36.76
CA VAL D 229 -2.91 18.14 36.36
C VAL D 229 -3.97 18.17 35.26
N THR D 230 -4.06 17.05 34.54
CA THR D 230 -5.22 16.77 33.69
C THR D 230 -6.51 16.97 34.49
N GLN D 231 -7.47 17.72 33.92
CA GLN D 231 -8.63 18.12 34.70
C GLN D 231 -9.63 18.77 33.75
N ILE D 232 -10.89 18.82 34.19
CA ILE D 232 -11.93 19.53 33.44
C ILE D 232 -12.13 20.89 34.09
N VAL D 233 -12.11 21.95 33.29
CA VAL D 233 -12.37 23.31 33.76
C VAL D 233 -13.65 23.74 33.04
N SER D 234 -14.63 24.24 33.78
CA SER D 234 -15.95 24.51 33.23
CA SER D 234 -15.92 24.56 33.18
C SER D 234 -16.43 25.90 33.63
N ALA D 235 -17.39 26.42 32.87
CA ALA D 235 -18.06 27.66 33.24
C ALA D 235 -19.49 27.52 32.74
N GLU D 236 -20.40 28.19 33.41
CA GLU D 236 -21.77 27.96 33.02
C GLU D 236 -22.56 29.24 33.06
N ALA D 237 -23.78 29.14 32.55
CA ALA D 237 -24.71 30.25 32.61
C ALA D 237 -26.10 29.66 32.62
N TRP D 238 -26.99 30.32 33.35
CA TRP D 238 -28.41 30.02 33.30
C TRP D 238 -29.11 31.15 32.57
N GLY D 239 -30.24 30.82 31.92
CA GLY D 239 -30.95 31.84 31.16
C GLY D 239 -31.45 32.98 32.03
N ARG D 240 -31.81 34.09 31.39
CA ARG D 240 -32.36 35.20 32.15
C ARG D 240 -33.18 36.09 31.24
N ALA D 241 -34.27 36.61 31.79
CA ALA D 241 -35.20 37.43 31.01
C ALA D 241 -34.80 38.90 30.99
N ASP D 242 -33.82 39.28 31.80
CA ASP D 242 -33.34 40.67 31.81
C ASP D 242 -32.02 40.79 31.05
N VAL E 1 8.36 -6.78 -15.11
CA VAL E 1 8.24 -6.61 -13.66
C VAL E 1 7.08 -7.44 -13.13
N PRO E 2 7.20 -7.94 -11.90
CA PRO E 2 6.14 -8.74 -11.31
C PRO E 2 5.00 -7.85 -10.82
N LEU E 3 3.89 -8.50 -10.48
CA LEU E 3 2.83 -7.82 -9.75
C LEU E 3 3.43 -7.17 -8.50
N THR E 4 3.07 -5.90 -8.26
CA THR E 4 3.82 -5.13 -7.26
C THR E 4 3.55 -5.62 -5.84
N GLU E 5 2.37 -6.20 -5.60
CA GLU E 5 2.02 -6.63 -4.25
C GLU E 5 1.08 -7.81 -4.36
N ASP E 6 1.35 -8.88 -3.59
CA ASP E 6 0.50 -10.06 -3.55
C ASP E 6 -0.50 -10.03 -2.40
N ALA E 7 -1.67 -10.60 -2.65
CA ALA E 7 -2.67 -10.81 -1.59
C ALA E 7 -2.44 -12.16 -0.90
N GLU E 8 -2.81 -12.23 0.38
CA GLU E 8 -2.87 -13.53 1.02
C GLU E 8 -4.00 -14.35 0.41
N LEU E 9 -3.75 -15.64 0.20
CA LEU E 9 -4.83 -16.58 -0.09
C LEU E 9 -5.73 -16.73 1.12
C1 GOL F . 23.87 2.33 -16.46
O1 GOL F . 24.64 3.41 -15.89
C2 GOL F . 22.47 2.34 -15.72
O2 GOL F . 22.59 2.01 -14.36
C3 GOL F . 21.55 1.34 -16.52
O3 GOL F . 21.47 1.81 -17.84
C1 GOL G . 18.11 -18.62 -27.83
O1 GOL G . 19.25 -18.73 -27.06
C2 GOL G . 17.42 -17.27 -27.52
O2 GOL G . 18.10 -16.19 -28.05
C3 GOL G . 17.24 -17.18 -25.97
O3 GOL G . 16.69 -15.90 -25.75
C1 GOL H . 7.95 -20.91 -19.11
O1 GOL H . 7.21 -22.08 -19.21
C2 GOL H . 8.09 -20.39 -20.55
O2 GOL H . 8.73 -21.31 -21.36
C3 GOL H . 6.65 -20.11 -21.04
O3 GOL H . 5.98 -19.34 -20.04
C1 GOL I . -1.97 -45.12 -47.62
O1 GOL I . -1.03 -45.81 -46.76
C2 GOL I . -3.27 -44.82 -46.78
O2 GOL I . -3.03 -43.85 -45.82
C3 GOL I . -4.36 -44.38 -47.76
O3 GOL I . -3.95 -43.17 -48.32
C1 GOL J . 8.39 0.47 -20.07
O1 GOL J . 9.46 0.99 -20.79
C2 GOL J . 7.56 1.69 -19.71
O2 GOL J . 6.35 1.34 -19.15
C3 GOL J . 8.47 2.50 -18.73
O3 GOL J . 7.69 2.80 -17.61
C1 GOL K . 18.08 -53.57 -41.56
O1 GOL K . 18.81 -52.37 -41.65
C2 GOL K . 16.54 -53.25 -41.78
O2 GOL K . 16.01 -52.39 -40.81
C3 GOL K . 16.41 -52.68 -43.24
O3 GOL K . 15.06 -52.28 -43.38
C1 GOL L . 21.95 -6.99 -9.85
O1 GOL L . 23.25 -6.91 -10.40
C2 GOL L . 22.02 -7.87 -8.57
O2 GOL L . 21.46 -9.11 -8.77
C3 GOL L . 21.28 -7.07 -7.49
O3 GOL L . 20.23 -7.89 -7.02
C1 GOL M . 0.01 -20.39 -17.75
O1 GOL M . 0.67 -19.37 -17.07
C2 GOL M . 0.99 -20.94 -18.79
O2 GOL M . 2.31 -20.68 -18.44
C3 GOL M . 0.60 -20.24 -20.12
O3 GOL M . -0.77 -20.06 -20.09
C1 GOL N . -2.57 -13.62 -4.86
O1 GOL N . -1.37 -13.28 -4.29
C2 GOL N . -2.66 -12.85 -6.21
O2 GOL N . -2.27 -11.54 -6.14
C3 GOL N . -4.06 -13.06 -6.80
O3 GOL N . -3.94 -14.05 -7.79
C1 GOL O . -6.16 -18.50 -16.12
O1 GOL O . -6.08 -17.23 -15.57
C2 GOL O . -6.30 -18.34 -17.66
O2 GOL O . -6.80 -19.50 -18.26
C3 GOL O . -7.25 -17.13 -17.88
O3 GOL O . -6.90 -16.60 -19.12
P PO4 P . 18.92 -39.06 -26.12
O1 PO4 P . 19.42 -39.29 -24.72
O2 PO4 P . 17.43 -38.80 -26.09
O3 PO4 P . 19.21 -40.29 -26.95
O4 PO4 P . 19.65 -37.88 -26.71
C1 GOL Q . 22.86 -34.78 -27.88
O1 GOL Q . 21.83 -34.89 -26.96
C2 GOL Q . 22.20 -34.26 -29.10
O2 GOL Q . 23.14 -33.97 -30.08
C3 GOL Q . 21.20 -35.39 -29.50
O3 GOL Q . 21.55 -36.56 -28.81
C1 GOL R . 15.69 -22.47 -7.36
O1 GOL R . 16.38 -23.68 -7.37
C2 GOL R . 16.65 -21.31 -6.95
O2 GOL R . 16.69 -20.29 -7.90
C3 GOL R . 18.02 -21.92 -6.68
O3 GOL R . 18.81 -20.87 -6.20
C1 GOL S . 19.02 -41.84 -22.84
O1 GOL S . 20.20 -41.17 -22.60
C2 GOL S . 18.48 -42.11 -21.48
O2 GOL S . 19.48 -41.94 -20.55
C3 GOL S . 17.30 -41.12 -21.31
O3 GOL S . 17.57 -40.03 -22.12
C1 GOL T . 1.44 -0.48 -5.49
O1 GOL T . 1.59 0.72 -6.22
C2 GOL T . 0.07 -1.07 -5.83
O2 GOL T . -0.16 -1.23 -7.17
C3 GOL T . 0.01 -2.43 -5.10
O3 GOL T . -1.35 -2.76 -5.20
C1 GOL U . -29.97 34.08 6.51
O1 GOL U . -29.28 35.24 6.62
C2 GOL U . -28.92 33.01 6.19
O2 GOL U . -29.11 32.55 4.89
C3 GOL U . -29.10 31.96 7.29
O3 GOL U . -29.04 30.67 6.76
C1 GOL V . -9.33 0.55 -15.14
O1 GOL V . -9.25 1.59 -14.22
C2 GOL V . -8.23 -0.47 -14.77
O2 GOL V . -7.04 -0.20 -15.41
C3 GOL V . -8.82 -1.86 -15.16
O3 GOL V . -9.08 -2.54 -13.97
C1 GOL W . 6.50 15.46 3.53
O1 GOL W . 5.34 15.81 4.25
C2 GOL W . 6.88 14.04 4.03
O2 GOL W . 5.93 13.07 3.74
C3 GOL W . 8.28 13.73 3.45
O3 GOL W . 8.53 12.39 3.75
P PO4 X . -30.12 25.72 18.12
O1 PO4 X . -29.82 25.28 19.54
O2 PO4 X . -31.32 26.65 18.11
O3 PO4 X . -30.37 24.54 17.20
O4 PO4 X . -28.92 26.46 17.59
P PO4 Y . 8.64 24.78 -1.78
O1 PO4 Y . 8.04 25.90 -0.97
O2 PO4 Y . 7.51 24.05 -2.48
O3 PO4 Y . 9.35 23.81 -0.88
O4 PO4 Y . 9.62 25.31 -2.81
C1 GOL Z . 11.32 0.71 8.03
O1 GOL Z . 10.67 1.87 7.48
C2 GOL Z . 11.53 -0.33 6.89
O2 GOL Z . 12.37 0.21 5.89
C3 GOL Z . 12.17 -1.59 7.58
O3 GOL Z . 12.43 -2.54 6.56
C1 GOL AA . 9.40 -5.53 12.07
O1 GOL AA . 8.78 -4.39 12.58
C2 GOL AA . 9.41 -5.33 10.55
O2 GOL AA . 10.25 -4.26 10.16
C3 GOL AA . 9.93 -6.71 9.94
O3 GOL AA . 9.80 -6.58 8.53
C1 GOL BA . 2.00 18.73 18.50
O1 GOL BA . 2.14 19.79 17.54
C2 GOL BA . 1.04 19.19 19.67
O2 GOL BA . 1.07 18.29 20.73
C3 GOL BA . -0.42 19.28 19.04
O3 GOL BA . -1.34 19.46 20.13
C1 GOL CA . 9.16 22.48 37.18
O1 GOL CA . 10.13 23.46 37.36
C2 GOL CA . 8.55 22.18 38.53
O2 GOL CA . 9.26 22.80 39.56
C3 GOL CA . 8.55 20.65 38.61
O3 GOL CA . 8.37 20.33 39.95
C1 GOL DA . 3.08 14.18 32.56
O1 GOL DA . 2.34 13.16 33.14
C2 GOL DA . 4.54 13.90 32.91
O2 GOL DA . 4.96 12.65 32.47
C3 GOL DA . 5.34 15.05 32.29
O3 GOL DA . 6.63 14.95 32.82
C1 GOL EA . -21.29 35.72 34.71
O1 GOL EA . -20.20 35.55 35.55
C2 GOL EA . -20.89 35.06 33.36
O2 GOL EA . -20.99 35.94 32.28
C3 GOL EA . -21.74 33.79 33.25
O3 GOL EA . -20.85 32.72 33.45
C1 GOL FA . -5.74 8.42 25.75
O1 GOL FA . -6.86 7.63 25.44
C2 GOL FA . -6.10 9.33 26.95
O2 GOL FA . -5.33 9.05 28.08
C3 GOL FA . -5.87 10.78 26.42
O3 GOL FA . -4.55 11.12 26.66
C1 GOL GA . -14.51 22.64 37.85
O1 GOL GA . -15.21 22.11 36.76
C2 GOL GA . -14.61 24.18 37.78
O2 GOL GA . -14.09 24.68 36.59
C3 GOL GA . -16.12 24.50 37.92
O3 GOL GA . -16.34 25.81 37.48
C1 GOL HA . 9.72 4.71 30.17
O1 GOL HA . 10.98 4.57 29.57
C2 GOL HA . 8.65 4.23 29.15
O2 GOL HA . 9.11 4.32 27.83
C3 GOL HA . 7.39 5.14 29.45
O3 GOL HA . 6.31 4.72 28.60
C1 GOL IA . -25.92 19.32 31.42
O1 GOL IA . -26.79 20.42 31.44
C2 GOL IA . -25.86 18.80 32.88
O2 GOL IA . -25.27 19.73 33.73
C3 GOL IA . -27.32 18.48 33.28
O3 GOL IA . -27.33 18.21 34.66
P PO4 JA . -27.55 18.44 18.80
O1 PO4 JA . -28.76 18.03 19.59
O2 PO4 JA . -27.25 19.87 19.16
O3 PO4 JA . -27.79 18.27 17.33
O4 PO4 JA . -26.38 17.56 19.15
#